data_8X89
#
_entry.id   8X89
#
_cell.length_a   68.190
_cell.length_b   126.084
_cell.length_c   128.136
_cell.angle_alpha   90.000
_cell.angle_beta   90.000
_cell.angle_gamma   90.000
#
_symmetry.space_group_name_H-M   'P 21 21 21'
#
loop_
_entity.id
_entity.type
_entity.pdbx_description
1 polymer '3-oxoacyl-[acyl-carrier-protein] reductase'
2 water water
#
_entity_poly.entity_id   1
_entity_poly.type   'polypeptide(L)'
_entity_poly.pdbx_seq_one_letter_code
;MKLEHKNIFITGSSRGIGLAIAHKFAQAGANIVLNSRGAISEELLAEFSNYGIKVVPISGDVSDFADAKRMIDQAIAELG
SVDVLVNNAGITQDTLMLKMTEADFEKVLKVNLTGAFNMTQSVLKPMMKAREGAIINMSSVVGLMGNIGQANYAASKAGL
IGFTKSVAREVASRNIRVNVIAPGMIESDMTAILSDKIKEATLAQIPMKEFGQAEQVADLTVFLAGQDYLTGQVIAIDGG
LSM
;
_entity_poly.pdbx_strand_id   A,B,C,D
#
# COMPACT_ATOMS: atom_id res chain seq x y z
N MET A 1 9.76 -4.66 33.24
CA MET A 1 10.95 -4.11 33.87
C MET A 1 11.34 -2.73 33.28
N LYS A 2 11.29 -2.59 31.95
CA LYS A 2 11.63 -1.31 31.30
C LYS A 2 10.72 -0.15 31.66
N LEU A 3 9.50 -0.37 32.17
CA LEU A 3 8.58 0.73 32.40
C LEU A 3 8.32 1.04 33.87
N GLU A 4 8.90 0.26 34.78
CA GLU A 4 8.60 0.44 36.19
C GLU A 4 9.07 1.81 36.63
N HIS A 5 8.21 2.51 37.38
CA HIS A 5 8.44 3.85 37.93
C HIS A 5 8.53 4.92 36.84
N LYS A 6 8.32 4.58 35.58
CA LYS A 6 8.19 5.63 34.59
C LYS A 6 6.84 6.32 34.71
N ASN A 7 6.78 7.56 34.22
CA ASN A 7 5.61 8.41 34.36
C ASN A 7 4.92 8.56 33.00
N ILE A 8 3.69 8.09 32.90
CA ILE A 8 2.96 7.99 31.63
C ILE A 8 1.79 8.95 31.66
N PHE A 9 1.71 9.87 30.70
CA PHE A 9 0.56 10.75 30.62
C PHE A 9 -0.33 10.15 29.51
N ILE A 10 -1.54 9.73 29.84
CA ILE A 10 -2.45 9.15 28.86
C ILE A 10 -3.67 10.06 28.70
N THR A 11 -3.81 10.70 27.54
CA THR A 11 -4.97 11.56 27.33
C THR A 11 -6.23 10.71 27.12
N GLY A 12 -7.36 11.20 27.65
CA GLY A 12 -8.63 10.51 27.47
C GLY A 12 -8.72 9.15 28.13
N SER A 13 -8.14 9.00 29.32
CA SER A 13 -7.95 7.69 29.92
C SER A 13 -8.98 7.38 31.01
N SER A 14 -10.11 8.07 31.01
CA SER A 14 -11.18 7.76 31.96
C SER A 14 -12.17 6.73 31.44
N ARG A 15 -12.19 6.45 30.13
CA ARG A 15 -13.11 5.51 29.53
C ARG A 15 -12.45 4.82 28.34
N GLY A 16 -13.08 3.74 27.89
CA GLY A 16 -12.73 3.18 26.60
C GLY A 16 -11.28 2.77 26.49
N ILE A 17 -10.71 2.97 25.30
CA ILE A 17 -9.37 2.47 25.01
C ILE A 17 -8.31 3.14 25.86
N GLY A 18 -8.44 4.45 26.11
CA GLY A 18 -7.47 5.11 26.97
C GLY A 18 -7.38 4.48 28.33
N LEU A 19 -8.53 4.07 28.89
CA LEU A 19 -8.53 3.39 30.17
C LEU A 19 -7.86 2.02 30.08
N ALA A 20 -8.14 1.25 29.02
CA ALA A 20 -7.41 0.00 28.82
C ALA A 20 -5.90 0.26 28.72
N ILE A 21 -5.49 1.26 27.96
CA ILE A 21 -4.07 1.60 27.89
C ILE A 21 -3.53 1.91 29.28
N ALA A 22 -4.31 2.64 30.11
CA ALA A 22 -3.81 3.01 31.43
C ALA A 22 -3.70 1.81 32.36
N HIS A 23 -4.66 0.89 32.30
CA HIS A 23 -4.54 -0.35 33.08
C HIS A 23 -3.30 -1.12 32.68
N LYS A 24 -3.02 -1.21 31.38
CA LYS A 24 -1.86 -1.99 30.95
C LYS A 24 -0.56 -1.33 31.40
N PHE A 25 -0.47 0.01 31.33
CA PHE A 25 0.74 0.66 31.83
C PHE A 25 0.88 0.48 33.34
N ALA A 26 -0.25 0.43 34.06
CA ALA A 26 -0.19 0.25 35.50
C ALA A 26 0.30 -1.15 35.85
N GLN A 27 -0.21 -2.17 35.15
CA GLN A 27 0.25 -3.55 35.29
C GLN A 27 1.73 -3.72 35.02
N ALA A 28 2.37 -2.75 34.36
CA ALA A 28 3.81 -2.78 34.12
C ALA A 28 4.59 -1.96 35.13
N GLY A 29 3.95 -1.48 36.20
CA GLY A 29 4.67 -0.75 37.22
C GLY A 29 4.87 0.73 36.96
N ALA A 30 4.27 1.28 35.90
CA ALA A 30 4.50 2.68 35.59
C ALA A 30 3.57 3.58 36.41
N ASN A 31 4.00 4.82 36.63
CA ASN A 31 3.10 5.80 37.23
C ASN A 31 2.20 6.41 36.16
N ILE A 32 0.97 6.73 36.55
CA ILE A 32 -0.14 6.98 35.64
C ILE A 32 -0.72 8.37 35.91
N VAL A 33 -0.86 9.18 34.85
CA VAL A 33 -1.77 10.32 34.83
C VAL A 33 -3.06 9.88 34.17
N LEU A 34 -4.18 9.95 34.90
CA LEU A 34 -5.50 9.77 34.32
C LEU A 34 -6.04 11.13 33.89
N ASN A 35 -6.51 11.23 32.65
CA ASN A 35 -6.88 12.50 32.06
C ASN A 35 -8.22 12.40 31.38
N SER A 36 -9.02 13.43 31.58
CA SER A 36 -10.33 13.52 30.94
C SER A 36 -10.63 14.99 30.75
N ARG A 37 -11.43 15.26 29.72
CA ARG A 37 -12.09 16.54 29.60
C ARG A 37 -13.11 16.73 30.71
N GLY A 38 -13.63 15.63 31.26
CA GLY A 38 -14.50 15.65 32.42
C GLY A 38 -13.71 15.44 33.70
N ALA A 39 -14.42 15.07 34.76
CA ALA A 39 -13.74 14.83 36.03
C ALA A 39 -13.32 13.36 36.14
N ILE A 40 -12.26 13.13 36.92
CA ILE A 40 -11.83 11.78 37.29
C ILE A 40 -12.44 11.45 38.64
N SER A 41 -13.24 10.38 38.69
CA SER A 41 -13.95 10.04 39.91
C SER A 41 -13.07 9.25 40.87
N GLU A 42 -13.47 9.26 42.15
CA GLU A 42 -12.77 8.49 43.17
C GLU A 42 -12.93 6.99 42.94
N GLU A 43 -14.04 6.58 42.34
CA GLU A 43 -14.17 5.23 41.78
C GLU A 43 -12.93 4.85 40.96
N LEU A 44 -12.76 5.51 39.82
CA LEU A 44 -11.63 5.20 38.94
C LEU A 44 -10.31 5.30 39.68
N LEU A 45 -10.11 6.38 40.45
CA LEU A 45 -8.87 6.56 41.21
C LEU A 45 -8.60 5.40 42.16
N ALA A 46 -9.62 4.62 42.52
CA ALA A 46 -9.46 3.51 43.44
C ALA A 46 -9.09 2.21 42.74
N GLU A 47 -9.56 2.00 41.51
CA GLU A 47 -9.13 0.85 40.72
C GLU A 47 -7.60 0.79 40.60
N PHE A 48 -6.94 1.93 40.70
CA PHE A 48 -5.50 2.04 40.47
C PHE A 48 -4.70 2.07 41.76
N SER A 49 -5.38 2.09 42.92
CA SER A 49 -4.78 1.97 44.24
C SER A 49 -4.72 0.52 44.71
N ASN A 50 -4.42 -0.40 43.80
CA ASN A 50 -4.02 -1.76 44.13
C ASN A 50 -2.75 -2.15 43.41
N TYR A 51 -2.24 -1.31 42.50
CA TYR A 51 -1.03 -1.58 41.77
C TYR A 51 0.22 -1.07 42.49
N GLY A 52 0.05 -0.27 43.54
CA GLY A 52 1.20 0.31 44.19
C GLY A 52 1.97 1.27 43.31
N ILE A 53 1.29 2.00 42.44
CA ILE A 53 1.88 3.03 41.61
C ILE A 53 1.29 4.36 42.01
N LYS A 54 1.96 5.43 41.61
CA LYS A 54 1.42 6.78 41.76
C LYS A 54 0.42 7.06 40.63
N VAL A 55 -0.78 7.48 41.00
CA VAL A 55 -1.82 7.84 40.03
C VAL A 55 -2.27 9.27 40.31
N VAL A 56 -2.34 10.08 39.25
CA VAL A 56 -2.63 11.50 39.38
C VAL A 56 -3.76 11.87 38.42
N PRO A 57 -4.86 12.44 38.90
CA PRO A 57 -5.92 12.89 37.98
C PRO A 57 -5.68 14.32 37.49
N ILE A 58 -5.73 14.54 36.19
CA ILE A 58 -5.48 15.84 35.59
C ILE A 58 -6.50 16.02 34.48
N SER A 59 -7.45 16.94 34.67
CA SER A 59 -8.49 17.23 33.70
C SER A 59 -8.23 18.57 33.05
N GLY A 60 -8.80 18.72 31.87
CA GLY A 60 -8.57 19.91 31.09
C GLY A 60 -8.95 19.64 29.65
N ASP A 61 -8.64 20.62 28.80
CA ASP A 61 -9.02 20.63 27.40
C ASP A 61 -7.73 20.60 26.57
N VAL A 62 -7.36 19.40 26.07
CA VAL A 62 -6.12 19.27 25.29
C VAL A 62 -6.15 20.18 24.08
N SER A 63 -7.33 20.47 23.57
CA SER A 63 -7.43 21.31 22.39
C SER A 63 -7.23 22.80 22.66
N ASP A 64 -7.03 23.21 23.90
CA ASP A 64 -6.70 24.60 24.19
C ASP A 64 -5.21 24.67 24.48
N PHE A 65 -4.48 25.48 23.70
CA PHE A 65 -3.02 25.41 23.72
C PHE A 65 -2.46 25.66 25.11
N ALA A 66 -2.90 26.75 25.76
CA ALA A 66 -2.38 27.05 27.08
C ALA A 66 -2.82 26.01 28.10
N ASP A 67 -4.01 25.42 27.94
CA ASP A 67 -4.46 24.46 28.93
C ASP A 67 -3.74 23.12 28.75
N ALA A 68 -3.42 22.74 27.52
CA ALA A 68 -2.53 21.60 27.29
C ALA A 68 -1.18 21.79 27.99
N LYS A 69 -0.58 22.96 27.82
CA LYS A 69 0.68 23.23 28.52
C LYS A 69 0.51 23.16 30.03
N ARG A 70 -0.62 23.67 30.57
CA ARG A 70 -0.87 23.58 32.01
C ARG A 70 -0.93 22.12 32.47
N MET A 71 -1.57 21.25 31.69
CA MET A 71 -1.74 19.86 32.13
C MET A 71 -0.40 19.12 32.15
N ILE A 72 0.43 19.30 31.12
CA ILE A 72 1.79 18.77 31.16
C ILE A 72 2.58 19.34 32.35
N ASP A 73 2.44 20.65 32.61
CA ASP A 73 3.19 21.22 33.73
C ASP A 73 2.76 20.63 35.06
N GLN A 74 1.47 20.36 35.23
CA GLN A 74 1.00 19.76 36.48
C GLN A 74 1.56 18.34 36.64
N ALA A 75 1.55 17.55 35.56
CA ALA A 75 2.10 16.20 35.65
C ALA A 75 3.58 16.23 36.02
N ILE A 76 4.33 17.17 35.46
CA ILE A 76 5.75 17.29 35.80
C ILE A 76 5.93 17.64 37.27
N ALA A 77 5.07 18.53 37.79
CA ALA A 77 5.24 18.96 39.17
C ALA A 77 4.83 17.87 40.15
N GLU A 78 3.93 16.97 39.75
CA GLU A 78 3.44 15.93 40.65
C GLU A 78 4.17 14.61 40.53
N LEU A 79 4.79 14.31 39.39
CA LEU A 79 5.50 13.06 39.16
C LEU A 79 6.99 13.22 39.01
N GLY A 80 7.46 14.42 38.64
CA GLY A 80 8.85 14.67 38.39
C GLY A 80 9.18 14.84 36.92
N SER A 81 8.40 14.21 36.05
CA SER A 81 8.68 14.20 34.62
C SER A 81 7.50 13.56 33.91
N VAL A 82 7.48 13.69 32.59
CA VAL A 82 6.64 12.86 31.74
C VAL A 82 7.59 12.08 30.85
N ASP A 83 7.66 10.78 31.07
CA ASP A 83 8.53 9.93 30.26
C ASP A 83 7.84 9.47 28.97
N VAL A 84 6.53 9.28 29.01
CA VAL A 84 5.77 8.79 27.87
C VAL A 84 4.50 9.63 27.76
N LEU A 85 4.22 10.14 26.56
CA LEU A 85 2.93 10.79 26.29
C LEU A 85 2.14 9.94 25.29
N VAL A 86 0.95 9.52 25.68
CA VAL A 86 0.03 8.79 24.80
C VAL A 86 -1.11 9.72 24.43
N ASN A 87 -1.11 10.21 23.18
CA ASN A 87 -2.19 11.06 22.66
C ASN A 87 -3.32 10.20 22.11
N ASN A 88 -4.11 9.69 23.04
CA ASN A 88 -5.34 8.97 22.72
C ASN A 88 -6.49 9.94 22.53
N ALA A 89 -7.24 9.79 21.44
CA ALA A 89 -8.45 10.60 21.28
C ALA A 89 -9.53 10.21 22.29
N LYS A 99 -19.99 13.44 15.52
CA LYS A 99 -21.33 13.33 16.10
C LYS A 99 -22.26 12.58 15.16
N MET A 100 -23.39 13.20 14.79
CA MET A 100 -24.26 12.61 13.78
C MET A 100 -24.17 13.32 12.45
N THR A 101 -24.21 14.66 12.41
CA THR A 101 -24.01 15.29 11.12
C THR A 101 -22.54 15.23 10.71
N GLU A 102 -22.32 15.23 9.39
CA GLU A 102 -20.96 15.25 8.86
C GLU A 102 -20.21 16.49 9.34
N ALA A 103 -20.90 17.62 9.46
CA ALA A 103 -20.27 18.85 9.94
C ALA A 103 -19.82 18.73 11.39
N ASP A 104 -20.63 18.13 12.27
CA ASP A 104 -20.15 17.92 13.64
C ASP A 104 -19.09 16.84 13.71
N PHE A 105 -19.16 15.81 12.85
CA PHE A 105 -18.12 14.80 12.84
C PHE A 105 -16.79 15.42 12.45
N GLU A 106 -16.81 16.31 11.46
CA GLU A 106 -15.60 17.03 11.08
C GLU A 106 -15.06 17.85 12.23
N LYS A 107 -15.93 18.45 13.05
CA LYS A 107 -15.43 19.29 14.14
C LYS A 107 -14.76 18.43 15.19
N VAL A 108 -15.34 17.27 15.52
CA VAL A 108 -14.73 16.38 16.51
C VAL A 108 -13.34 15.92 16.06
N LEU A 109 -13.19 15.58 14.78
CA LEU A 109 -11.87 15.14 14.30
C LEU A 109 -10.85 16.25 14.50
N LYS A 110 -11.24 17.49 14.18
CA LYS A 110 -10.32 18.62 14.29
C LYS A 110 -9.93 18.88 15.73
N VAL A 111 -10.88 18.73 16.66
CA VAL A 111 -10.56 18.92 18.08
C VAL A 111 -9.50 17.92 18.52
N ASN A 112 -9.69 16.64 18.19
CA ASN A 112 -8.73 15.61 18.59
C ASN A 112 -7.37 15.80 17.93
N LEU A 113 -7.35 16.20 16.67
CA LEU A 113 -6.08 16.50 16.01
C LEU A 113 -5.37 17.66 16.70
N THR A 114 -6.10 18.75 16.96
CA THR A 114 -5.52 19.91 17.67
C THR A 114 -4.99 19.50 19.03
N GLY A 115 -5.72 18.63 19.74
CA GLY A 115 -5.23 18.17 21.04
C GLY A 115 -3.92 17.42 20.93
N ALA A 116 -3.78 16.55 19.92
CA ALA A 116 -2.53 15.84 19.72
C ALA A 116 -1.40 16.80 19.42
N PHE A 117 -1.64 17.77 18.52
CA PHE A 117 -0.65 18.81 18.27
C PHE A 117 -0.21 19.53 19.55
N ASN A 118 -1.17 19.95 20.38
CA ASN A 118 -0.82 20.80 21.52
C ASN A 118 -0.04 20.02 22.56
N MET A 119 -0.51 18.82 22.90
CA MET A 119 0.20 18.03 23.91
C MET A 119 1.58 17.61 23.41
N THR A 120 1.72 17.28 22.13
CA THR A 120 3.05 16.98 21.61
C THR A 120 3.95 18.20 21.77
N GLN A 121 3.48 19.37 21.33
CA GLN A 121 4.30 20.58 21.44
C GLN A 121 4.71 20.84 22.87
N SER A 122 3.84 20.54 23.83
CA SER A 122 4.08 20.91 25.22
C SER A 122 5.12 20.01 25.87
N VAL A 123 5.11 18.70 25.59
CA VAL A 123 6.12 17.89 26.24
C VAL A 123 7.49 17.97 25.58
N LEU A 124 7.58 18.45 24.34
CA LEU A 124 8.86 18.41 23.65
C LEU A 124 9.94 19.10 24.46
N LYS A 125 9.66 20.31 24.97
CA LYS A 125 10.71 21.05 25.67
C LYS A 125 11.27 20.27 26.86
N PRO A 126 10.47 19.82 27.83
CA PRO A 126 11.08 18.99 28.89
C PRO A 126 11.71 17.71 28.37
N MET A 127 11.09 16.97 27.44
CA MET A 127 11.74 15.73 27.04
C MET A 127 13.09 16.01 26.39
N MET A 128 13.14 17.05 25.54
CA MET A 128 14.40 17.42 24.89
C MET A 128 15.48 17.80 25.91
N LYS A 129 15.09 18.38 27.05
CA LYS A 129 16.09 18.66 28.07
C LYS A 129 16.67 17.36 28.65
N ALA A 130 15.79 16.38 28.94
CA ALA A 130 16.19 15.16 29.66
C ALA A 130 16.87 14.17 28.75
N ARG A 131 16.92 14.52 27.48
CA ARG A 131 17.36 13.65 26.38
C ARG A 131 16.66 12.29 26.43
N GLU A 132 15.34 12.34 26.60
CA GLU A 132 14.65 11.11 26.99
C GLU A 132 13.13 11.21 26.85
N GLY A 133 12.49 10.19 26.28
CA GLY A 133 11.03 10.19 26.23
C GLY A 133 10.49 9.48 25.01
N ALA A 134 9.16 9.29 25.02
CA ALA A 134 8.45 8.66 23.93
C ALA A 134 7.09 9.32 23.77
N ILE A 135 6.69 9.57 22.52
CA ILE A 135 5.38 10.10 22.19
C ILE A 135 4.72 9.12 21.25
N ILE A 136 3.50 8.70 21.61
CA ILE A 136 2.70 7.77 20.82
C ILE A 136 1.40 8.48 20.46
N ASN A 137 1.27 8.84 19.19
CA ASN A 137 0.03 9.45 18.75
C ASN A 137 -0.88 8.37 18.19
N MET A 138 -2.18 8.56 18.38
CA MET A 138 -3.15 7.53 18.02
C MET A 138 -4.31 8.15 17.25
N SER A 139 -4.62 7.59 16.09
CA SER A 139 -5.84 7.96 15.42
C SER A 139 -7.03 7.32 16.15
N SER A 140 -8.20 7.86 15.92
CA SER A 140 -9.35 7.46 16.70
C SER A 140 -9.87 6.11 16.21
N VAL A 141 -10.54 5.40 17.13
CA VAL A 141 -11.20 4.16 16.76
C VAL A 141 -12.19 4.37 15.62
N VAL A 142 -12.24 3.42 14.71
CA VAL A 142 -13.04 3.53 13.50
C VAL A 142 -14.46 3.07 13.83
N GLY A 143 -15.43 3.94 13.56
CA GLY A 143 -16.83 3.59 13.65
C GLY A 143 -17.49 3.50 12.29
N LEU A 144 -18.81 3.34 12.31
CA LEU A 144 -19.60 3.36 11.09
C LEU A 144 -19.64 4.78 10.53
N MET A 145 -19.30 4.96 9.25
CA MET A 145 -19.29 6.30 8.67
C MET A 145 -19.84 6.29 7.25
N GLY A 146 -20.44 7.41 6.87
CA GLY A 146 -20.85 7.62 5.50
C GLY A 146 -19.67 8.00 4.64
N ASN A 147 -19.96 8.24 3.36
CA ASN A 147 -18.89 8.55 2.40
C ASN A 147 -18.07 9.75 2.88
N ILE A 148 -18.74 10.82 3.25
CA ILE A 148 -18.02 12.04 3.61
C ILE A 148 -17.30 11.87 4.94
N GLY A 149 -17.89 11.14 5.90
CA GLY A 149 -17.18 10.85 7.12
C GLY A 149 -15.92 10.03 6.89
N GLN A 150 -15.97 9.06 5.97
CA GLN A 150 -14.76 8.32 5.60
C GLN A 150 -13.70 9.25 5.08
N ALA A 151 -14.09 10.20 4.24
CA ALA A 151 -13.11 11.14 3.69
C ALA A 151 -12.51 11.99 4.79
N ASN A 152 -13.35 12.51 5.69
CA ASN A 152 -12.85 13.38 6.76
C ASN A 152 -12.00 12.57 7.72
N TYR A 153 -12.41 11.36 8.04
CA TYR A 153 -11.59 10.49 8.86
C TYR A 153 -10.20 10.26 8.23
N ALA A 154 -10.16 9.92 6.94
CA ALA A 154 -8.87 9.63 6.31
C ALA A 154 -8.00 10.87 6.26
N ALA A 155 -8.60 12.03 5.99
CA ALA A 155 -7.82 13.26 5.93
C ALA A 155 -7.20 13.60 7.29
N SER A 156 -7.98 13.50 8.37
CA SER A 156 -7.41 13.85 9.66
C SER A 156 -6.37 12.83 10.11
N LYS A 157 -6.58 11.55 9.82
CA LYS A 157 -5.56 10.55 10.10
C LYS A 157 -4.27 10.85 9.34
N ALA A 158 -4.38 11.19 8.05
CA ALA A 158 -3.16 11.55 7.31
C ALA A 158 -2.48 12.75 7.94
N GLY A 159 -3.27 13.75 8.36
CA GLY A 159 -2.69 14.88 9.04
C GLY A 159 -1.92 14.49 10.29
N LEU A 160 -2.47 13.56 11.06
CA LEU A 160 -1.78 13.14 12.28
C LEU A 160 -0.47 12.41 11.95
N ILE A 161 -0.48 11.62 10.88
CA ILE A 161 0.73 10.88 10.50
C ILE A 161 1.83 11.85 10.03
N GLY A 162 1.49 12.79 9.16
CA GLY A 162 2.51 13.71 8.67
C GLY A 162 3.10 14.56 9.78
N PHE A 163 2.25 15.06 10.67
CA PHE A 163 2.73 15.81 11.83
C PHE A 163 3.68 14.95 12.66
N THR A 164 3.26 13.72 12.96
CA THR A 164 4.06 12.87 13.81
C THR A 164 5.39 12.52 13.16
N LYS A 165 5.39 12.29 11.84
CA LYS A 165 6.66 12.03 11.19
C LYS A 165 7.57 13.27 11.25
N SER A 166 6.99 14.46 11.02
CA SER A 166 7.77 15.70 11.13
C SER A 166 8.43 15.83 12.50
N VAL A 167 7.65 15.64 13.56
CA VAL A 167 8.21 15.75 14.90
C VAL A 167 9.28 14.67 15.14
N ALA A 168 9.04 13.44 14.64
CA ALA A 168 10.04 12.37 14.79
C ALA A 168 11.42 12.79 14.27
N ARG A 169 11.45 13.43 13.10
CA ARG A 169 12.70 13.86 12.48
C ARG A 169 13.41 14.92 13.31
N GLU A 170 12.66 15.82 13.95
CA GLU A 170 13.26 16.95 14.65
C GLU A 170 13.86 16.56 15.98
N VAL A 171 13.33 15.52 16.63
CA VAL A 171 13.74 15.20 18.01
C VAL A 171 14.55 13.92 18.08
N ALA A 172 14.80 13.26 16.96
CA ALA A 172 15.57 12.03 16.98
C ALA A 172 16.93 12.23 17.63
N SER A 173 17.67 13.27 17.20
CA SER A 173 19.01 13.49 17.74
C SER A 173 19.00 13.73 19.24
N ARG A 174 17.84 14.01 19.83
CA ARG A 174 17.71 14.18 21.26
C ARG A 174 17.19 12.94 21.94
N ASN A 175 17.16 11.81 21.21
CA ASN A 175 16.79 10.52 21.79
C ASN A 175 15.29 10.43 22.15
N ILE A 176 14.42 11.14 21.45
CA ILE A 176 12.97 11.06 21.67
C ILE A 176 12.35 10.23 20.53
N ARG A 177 11.61 9.18 20.89
CA ARG A 177 10.94 8.32 19.92
C ARG A 177 9.48 8.72 19.72
N VAL A 178 9.08 8.90 18.47
CA VAL A 178 7.77 9.42 18.15
C VAL A 178 7.14 8.48 17.11
N ASN A 179 5.97 7.92 17.43
CA ASN A 179 5.31 6.93 16.59
C ASN A 179 3.80 7.15 16.59
N VAL A 180 3.13 6.56 15.59
CA VAL A 180 1.68 6.60 15.46
C VAL A 180 1.14 5.17 15.49
N ILE A 181 0.03 4.99 16.21
CA ILE A 181 -0.74 3.76 16.20
C ILE A 181 -2.08 4.06 15.57
N ALA A 182 -2.51 3.23 14.63
CA ALA A 182 -3.80 3.41 13.96
C ALA A 182 -4.71 2.22 14.29
N PRO A 183 -5.63 2.35 15.24
CA PRO A 183 -6.59 1.26 15.48
C PRO A 183 -7.57 1.13 14.33
N GLY A 184 -8.32 0.03 14.33
CA GLY A 184 -9.39 -0.13 13.39
C GLY A 184 -10.73 -0.14 14.11
N MET A 185 -11.58 -1.09 13.78
CA MET A 185 -12.90 -1.22 14.39
C MET A 185 -12.79 -2.14 15.59
N ILE A 186 -13.26 -1.67 16.74
CA ILE A 186 -13.11 -2.35 18.04
C ILE A 186 -14.49 -2.82 18.51
N GLU A 187 -14.57 -4.05 19.04
CA GLU A 187 -15.76 -4.44 19.76
C GLU A 187 -16.03 -3.54 20.96
N SER A 188 -17.32 -3.35 21.22
CA SER A 188 -17.81 -2.68 22.41
C SER A 188 -19.06 -3.39 22.86
N ASP A 189 -19.62 -2.92 23.98
CA ASP A 189 -20.88 -3.47 24.47
C ASP A 189 -22.02 -3.26 23.47
N MET A 190 -21.92 -2.25 22.60
CA MET A 190 -22.92 -2.04 21.55
C MET A 190 -22.85 -3.09 20.44
N THR A 191 -21.67 -3.69 20.22
CA THR A 191 -21.53 -4.65 19.12
C THR A 191 -22.51 -5.81 19.27
N ALA A 192 -22.67 -6.32 20.49
CA ALA A 192 -23.62 -7.41 20.73
C ALA A 192 -25.02 -6.99 20.33
N ILE A 193 -25.32 -5.71 20.46
CA ILE A 193 -26.64 -5.15 20.26
C ILE A 193 -26.99 -4.93 18.78
N LEU A 194 -25.98 -4.79 17.91
CA LEU A 194 -26.23 -4.49 16.51
C LEU A 194 -26.85 -5.68 15.79
N SER A 195 -27.41 -5.39 14.62
CA SER A 195 -28.05 -6.42 13.82
C SER A 195 -27.02 -7.28 13.13
N ASP A 196 -27.32 -8.57 13.00
CA ASP A 196 -26.50 -9.46 12.22
C ASP A 196 -26.36 -9.00 10.78
N LYS A 197 -27.31 -8.23 10.28
CA LYS A 197 -27.18 -7.68 8.93
C LYS A 197 -26.03 -6.69 8.86
N ILE A 198 -25.99 -5.74 9.80
CA ILE A 198 -25.03 -4.66 9.66
C ILE A 198 -23.63 -5.10 10.09
N LYS A 199 -23.54 -6.01 11.07
CA LYS A 199 -22.25 -6.60 11.39
C LYS A 199 -21.64 -7.27 10.16
N GLU A 200 -22.46 -8.05 9.43
CA GLU A 200 -21.95 -8.79 8.28
C GLU A 200 -21.43 -7.85 7.22
N ALA A 201 -22.16 -6.78 6.92
CA ALA A 201 -21.65 -5.80 5.95
C ALA A 201 -20.47 -5.00 6.48
N THR A 202 -20.29 -4.94 7.79
CA THR A 202 -19.12 -4.27 8.35
C THR A 202 -17.89 -5.17 8.32
N LEU A 203 -18.03 -6.37 8.88
CA LEU A 203 -16.98 -7.38 8.81
C LEU A 203 -16.51 -7.61 7.38
N ALA A 204 -17.44 -7.61 6.43
CA ALA A 204 -17.07 -7.77 5.03
C ALA A 204 -15.92 -6.86 4.62
N GLN A 205 -15.80 -5.68 5.23
CA GLN A 205 -14.76 -4.76 4.77
C GLN A 205 -13.45 -4.90 5.53
N ILE A 206 -13.39 -5.79 6.51
CA ILE A 206 -12.17 -6.04 7.27
C ILE A 206 -11.55 -7.31 6.70
N PRO A 207 -10.34 -7.25 6.14
CA PRO A 207 -9.74 -8.48 5.53
C PRO A 207 -9.69 -9.67 6.48
N MET A 208 -9.46 -9.42 7.76
CA MET A 208 -9.44 -10.50 8.73
C MET A 208 -10.83 -10.89 9.23
N LYS A 209 -11.91 -10.21 8.78
CA LYS A 209 -13.29 -10.67 9.03
C LYS A 209 -13.60 -10.82 10.52
N GLU A 210 -13.10 -9.89 11.35
CA GLU A 210 -13.43 -9.86 12.77
C GLU A 210 -13.16 -8.46 13.29
N PHE A 211 -13.74 -8.13 14.45
CA PHE A 211 -13.53 -6.86 15.12
C PHE A 211 -12.33 -6.96 16.06
N GLY A 212 -11.66 -5.85 16.26
CA GLY A 212 -10.56 -5.83 17.21
C GLY A 212 -11.06 -5.77 18.63
N GLN A 213 -10.11 -5.89 19.57
CA GLN A 213 -10.35 -5.74 21.01
C GLN A 213 -9.49 -4.60 21.55
N ALA A 214 -10.03 -3.88 22.55
CA ALA A 214 -9.30 -2.76 23.12
C ALA A 214 -7.96 -3.20 23.66
N GLU A 215 -7.90 -4.41 24.22
CA GLU A 215 -6.65 -4.83 24.86
C GLU A 215 -5.52 -5.01 23.85
N GLN A 216 -5.85 -5.26 22.58
CA GLN A 216 -4.80 -5.33 21.56
C GLN A 216 -4.14 -3.97 21.40
N VAL A 217 -4.95 -2.90 21.37
CA VAL A 217 -4.37 -1.56 21.28
C VAL A 217 -3.51 -1.27 22.51
N ALA A 218 -3.97 -1.66 23.69
CA ALA A 218 -3.19 -1.39 24.89
C ALA A 218 -1.84 -2.11 24.84
N ASP A 219 -1.83 -3.38 24.42
CA ASP A 219 -0.59 -4.15 24.35
C ASP A 219 0.40 -3.49 23.41
N LEU A 220 -0.06 -3.09 22.23
CA LEU A 220 0.84 -2.46 21.29
C LEU A 220 1.37 -1.14 21.86
N THR A 221 0.51 -0.39 22.56
CA THR A 221 0.90 0.91 23.10
C THR A 221 2.00 0.76 24.13
N VAL A 222 1.84 -0.18 25.03
CA VAL A 222 2.83 -0.38 26.08
C VAL A 222 4.13 -0.95 25.48
N PHE A 223 4.00 -1.83 24.49
CA PHE A 223 5.20 -2.34 23.82
C PHE A 223 6.01 -1.22 23.19
N LEU A 224 5.37 -0.36 22.40
CA LEU A 224 6.09 0.76 21.80
C LEU A 224 6.73 1.67 22.82
N ALA A 225 6.03 1.93 23.94
CA ALA A 225 6.56 2.80 24.98
C ALA A 225 7.92 2.31 25.47
N GLY A 226 8.07 0.99 25.62
CA GLY A 226 9.33 0.48 26.13
C GLY A 226 10.35 0.07 25.09
N GLN A 227 10.11 0.32 23.81
CA GLN A 227 10.94 -0.26 22.77
C GLN A 227 11.89 0.82 22.24
N ASP A 228 13.15 0.74 22.64
CA ASP A 228 14.13 1.65 22.07
C ASP A 228 14.36 1.37 20.59
N TYR A 229 14.75 2.45 19.92
CA TYR A 229 15.43 2.57 18.63
C TYR A 229 14.37 2.54 17.53
N LEU A 230 13.09 2.64 17.93
CA LEU A 230 11.94 2.58 17.03
C LEU A 230 11.27 3.95 17.05
N THR A 231 11.35 4.67 15.93
CA THR A 231 10.80 6.01 15.85
C THR A 231 10.35 6.24 14.42
N GLY A 232 9.49 7.25 14.23
CA GLY A 232 8.91 7.58 12.94
C GLY A 232 7.98 6.54 12.31
N GLN A 233 7.51 5.54 13.06
CA GLN A 233 6.74 4.46 12.45
C GLN A 233 5.22 4.70 12.56
N VAL A 234 4.50 4.19 11.56
CA VAL A 234 3.04 4.10 11.61
C VAL A 234 2.67 2.63 11.67
N ILE A 235 2.06 2.21 12.76
CA ILE A 235 1.67 0.83 12.98
C ILE A 235 0.14 0.77 13.08
N ALA A 236 -0.49 0.18 12.07
CA ALA A 236 -1.94 0.00 12.12
C ALA A 236 -2.19 -1.34 12.77
N ILE A 237 -3.16 -1.39 13.68
CA ILE A 237 -3.58 -2.65 14.27
C ILE A 237 -5.09 -2.73 14.05
N ASP A 238 -5.46 -3.23 12.87
CA ASP A 238 -6.81 -3.03 12.39
C ASP A 238 -7.28 -4.20 11.52
N GLY A 239 -6.67 -5.37 11.67
CA GLY A 239 -7.08 -6.53 10.87
C GLY A 239 -6.98 -6.31 9.38
N GLY A 240 -6.12 -5.40 8.94
CA GLY A 240 -5.97 -5.15 7.52
C GLY A 240 -6.88 -4.07 6.97
N LEU A 241 -7.68 -3.42 7.82
CA LEU A 241 -8.68 -2.46 7.33
C LEU A 241 -8.06 -1.37 6.47
N SER A 242 -6.93 -0.82 6.89
CA SER A 242 -6.33 0.30 6.18
C SER A 242 -5.30 -0.13 5.13
N MET A 243 -5.33 -1.38 4.71
CA MET A 243 -4.39 -1.81 3.69
C MET A 243 -4.80 -1.16 2.36
N MET B 1 3.71 -15.20 28.05
CA MET B 1 2.68 -16.23 27.94
C MET B 1 2.17 -16.60 26.52
N LYS B 2 1.82 -15.63 25.66
CA LYS B 2 1.05 -15.92 24.44
C LYS B 2 1.79 -16.77 23.42
N LEU B 3 3.09 -16.98 23.59
CA LEU B 3 3.85 -17.78 22.65
C LEU B 3 4.29 -19.11 23.24
N GLU B 4 4.10 -19.31 24.55
CA GLU B 4 4.48 -20.56 25.19
C GLU B 4 3.88 -21.75 24.43
N HIS B 5 4.72 -22.75 24.16
CA HIS B 5 4.40 -23.99 23.47
C HIS B 5 4.06 -23.80 22.00
N LYS B 6 4.11 -22.59 21.45
CA LYS B 6 3.99 -22.41 20.01
C LYS B 6 5.29 -22.86 19.31
N ASN B 7 5.18 -23.17 18.02
CA ASN B 7 6.29 -23.73 17.26
C ASN B 7 6.77 -22.72 16.21
N ILE B 8 8.04 -22.35 16.30
CA ILE B 8 8.60 -21.22 15.56
C ILE B 8 9.67 -21.75 14.62
N PHE B 9 9.49 -21.53 13.33
CA PHE B 9 10.53 -21.91 12.39
C PHE B 9 11.29 -20.59 12.17
N ILE B 10 12.57 -20.51 12.55
CA ILE B 10 13.38 -19.31 12.29
C ILE B 10 14.49 -19.65 11.29
N THR B 11 14.41 -19.10 10.08
CA THR B 11 15.44 -19.39 9.10
C THR B 11 16.67 -18.55 9.36
N GLY B 12 17.83 -19.08 8.99
CA GLY B 12 19.10 -18.39 9.23
C GLY B 12 19.32 -18.06 10.70
N SER B 13 19.07 -19.03 11.57
CA SER B 13 19.14 -18.77 12.99
C SER B 13 20.35 -19.40 13.66
N SER B 14 21.42 -19.69 12.89
CA SER B 14 22.62 -20.24 13.52
C SER B 14 23.56 -19.16 14.04
N ARG B 15 23.42 -17.92 13.60
CA ARG B 15 24.27 -16.84 14.06
C ARG B 15 23.51 -15.52 13.99
N GLY B 16 24.07 -14.51 14.65
CA GLY B 16 23.65 -13.13 14.43
C GLY B 16 22.25 -12.84 14.95
N ILE B 17 21.50 -12.04 14.17
CA ILE B 17 20.15 -11.67 14.56
C ILE B 17 19.21 -12.86 14.58
N GLY B 18 19.33 -13.75 13.59
CA GLY B 18 18.53 -14.98 13.63
C GLY B 18 18.67 -15.71 14.96
N LEU B 19 19.90 -15.81 15.44
CA LEU B 19 20.15 -16.53 16.69
C LEU B 19 19.59 -15.76 17.90
N ALA B 20 19.79 -14.44 17.91
CA ALA B 20 19.15 -13.60 18.93
C ALA B 20 17.63 -13.73 18.90
N ILE B 21 17.03 -13.80 17.70
CA ILE B 21 15.58 -14.03 17.61
C ILE B 21 15.22 -15.37 18.23
N ALA B 22 16.03 -16.42 17.97
CA ALA B 22 15.73 -17.74 18.53
C ALA B 22 15.78 -17.71 20.05
N HIS B 23 16.74 -16.99 20.62
CA HIS B 23 16.85 -16.92 22.07
C HIS B 23 15.62 -16.25 22.71
N LYS B 24 15.16 -15.12 22.15
CA LYS B 24 13.97 -14.47 22.70
C LYS B 24 12.75 -15.38 22.65
N PHE B 25 12.53 -16.06 21.52
CA PHE B 25 11.37 -16.95 21.39
C PHE B 25 11.44 -18.09 22.40
N ALA B 26 12.63 -18.66 22.60
CA ALA B 26 12.82 -19.67 23.64
C ALA B 26 12.51 -19.10 25.01
N GLN B 27 12.99 -17.88 25.30
CA GLN B 27 12.66 -17.23 26.57
C GLN B 27 11.17 -16.98 26.71
N ALA B 28 10.41 -16.95 25.62
CA ALA B 28 8.97 -16.86 25.72
C ALA B 28 8.32 -18.23 25.87
N GLY B 29 9.10 -19.31 25.90
CA GLY B 29 8.54 -20.63 26.04
C GLY B 29 8.08 -21.27 24.76
N ALA B 30 8.42 -20.70 23.61
CA ALA B 30 8.10 -21.33 22.35
C ALA B 30 9.15 -22.37 22.00
N ASN B 31 8.71 -23.43 21.31
CA ASN B 31 9.67 -24.34 20.72
C ASN B 31 10.17 -23.76 19.41
N ILE B 32 11.42 -24.05 19.07
CA ILE B 32 12.06 -23.37 17.95
C ILE B 32 12.76 -24.37 17.03
N VAL B 33 12.80 -24.02 15.75
CA VAL B 33 13.58 -24.72 14.76
C VAL B 33 14.78 -23.84 14.43
N LEU B 34 15.98 -24.36 14.68
CA LEU B 34 17.19 -23.67 14.27
C LEU B 34 17.52 -24.11 12.86
N ASN B 35 17.85 -23.14 12.02
CA ASN B 35 18.03 -23.41 10.60
C ASN B 35 19.25 -22.70 10.06
N SER B 36 19.90 -23.38 9.12
CA SER B 36 21.12 -22.93 8.47
C SER B 36 21.25 -23.63 7.13
N ARG B 37 21.89 -22.96 6.19
CA ARG B 37 22.25 -23.59 4.93
C ARG B 37 23.22 -24.75 5.14
N GLY B 38 23.98 -24.74 6.24
CA GLY B 38 24.85 -25.86 6.56
C GLY B 38 24.51 -26.48 7.90
N ALA B 39 25.35 -27.39 8.39
CA ALA B 39 25.05 -28.12 9.61
C ALA B 39 24.98 -27.19 10.82
N ILE B 40 24.20 -27.61 11.80
CA ILE B 40 24.05 -26.89 13.07
C ILE B 40 24.83 -27.63 14.14
N SER B 41 25.76 -26.92 14.78
CA SER B 41 26.71 -27.58 15.65
C SER B 41 26.05 -28.02 16.95
N GLU B 42 26.67 -29.01 17.59
CA GLU B 42 26.20 -29.48 18.88
C GLU B 42 26.40 -28.43 19.96
N GLU B 43 27.41 -27.58 19.80
CA GLU B 43 27.65 -26.51 20.76
C GLU B 43 26.62 -25.39 20.62
N LEU B 44 26.13 -25.15 19.41
CA LEU B 44 25.02 -24.21 19.23
C LEU B 44 23.74 -24.75 19.87
N LEU B 45 23.43 -26.02 19.64
CA LEU B 45 22.28 -26.64 20.30
C LEU B 45 22.42 -26.55 21.82
N ALA B 46 23.65 -26.71 22.31
CA ALA B 46 23.89 -26.66 23.75
C ALA B 46 23.45 -25.32 24.34
N GLU B 47 23.48 -24.24 23.56
CA GLU B 47 23.13 -22.92 24.09
C GLU B 47 21.69 -22.84 24.57
N PHE B 48 20.82 -23.77 24.17
CA PHE B 48 19.40 -23.69 24.42
C PHE B 48 18.91 -24.70 25.45
N SER B 49 19.84 -25.30 26.21
CA SER B 49 19.50 -26.47 27.01
C SER B 49 18.73 -26.15 28.28
N ASN B 50 18.84 -24.93 28.80
CA ASN B 50 18.20 -24.57 30.07
C ASN B 50 16.86 -23.89 29.89
N TYR B 51 16.29 -23.90 28.67
CA TYR B 51 15.03 -23.19 28.43
C TYR B 51 13.80 -24.05 28.66
N GLY B 52 13.96 -25.36 28.78
CA GLY B 52 12.77 -26.21 28.98
C GLY B 52 11.81 -26.20 27.82
N ILE B 53 12.34 -26.16 26.59
CA ILE B 53 11.55 -26.25 25.37
C ILE B 53 12.18 -27.30 24.48
N LYS B 54 11.52 -27.56 23.37
CA LYS B 54 12.05 -28.39 22.31
C LYS B 54 12.80 -27.53 21.30
N VAL B 55 13.98 -27.99 20.90
CA VAL B 55 14.81 -27.32 19.89
C VAL B 55 15.19 -28.33 18.83
N VAL B 56 14.87 -28.02 17.57
CA VAL B 56 15.04 -28.93 16.45
C VAL B 56 15.94 -28.26 15.42
N PRO B 57 17.03 -28.91 15.01
CA PRO B 57 17.82 -28.39 13.88
C PRO B 57 17.32 -28.90 12.54
N ILE B 58 17.09 -28.00 11.60
CA ILE B 58 16.74 -28.38 10.24
C ILE B 58 17.55 -27.51 9.31
N SER B 59 18.52 -28.10 8.63
CA SER B 59 19.33 -27.37 7.67
C SER B 59 18.82 -27.65 6.27
N GLY B 60 19.11 -26.72 5.36
CA GLY B 60 18.68 -26.91 3.99
C GLY B 60 18.83 -25.63 3.20
N ASP B 61 18.30 -25.66 1.99
CA ASP B 61 18.39 -24.52 1.09
C ASP B 61 17.00 -23.88 0.98
N VAL B 62 16.78 -22.77 1.72
CA VAL B 62 15.49 -22.08 1.65
C VAL B 62 15.22 -21.61 0.24
N SER B 63 16.26 -21.37 -0.55
CA SER B 63 16.03 -20.89 -1.91
C SER B 63 15.69 -22.00 -2.90
N ASP B 64 15.68 -23.27 -2.47
CA ASP B 64 15.26 -24.41 -3.29
C ASP B 64 13.82 -24.77 -2.93
N PHE B 65 12.89 -24.61 -3.88
CA PHE B 65 11.48 -24.80 -3.51
C PHE B 65 11.22 -26.18 -2.96
N ALA B 66 11.84 -27.21 -3.53
CA ALA B 66 11.57 -28.55 -3.06
C ALA B 66 12.09 -28.72 -1.64
N ASP B 67 13.27 -28.20 -1.36
CA ASP B 67 13.82 -28.36 -0.01
C ASP B 67 13.12 -27.45 1.00
N ALA B 68 12.59 -26.30 0.56
CA ALA B 68 11.75 -25.48 1.44
C ALA B 68 10.52 -26.26 1.91
N LYS B 69 9.85 -26.95 0.98
CA LYS B 69 8.74 -27.81 1.35
C LYS B 69 9.20 -28.92 2.30
N ARG B 70 10.34 -29.54 1.99
CA ARG B 70 10.88 -30.60 2.83
C ARG B 70 11.06 -30.13 4.26
N MET B 71 11.69 -28.96 4.43
CA MET B 71 11.99 -28.47 5.77
C MET B 71 10.73 -28.15 6.56
N ILE B 72 9.72 -27.57 5.92
CA ILE B 72 8.48 -27.31 6.66
C ILE B 72 7.83 -28.61 7.13
N ASP B 73 7.71 -29.59 6.23
CA ASP B 73 7.15 -30.89 6.62
C ASP B 73 7.92 -31.52 7.76
N GLN B 74 9.25 -31.49 7.68
CA GLN B 74 10.06 -32.08 8.73
C GLN B 74 9.80 -31.37 10.06
N ALA B 75 9.59 -30.05 10.00
CA ALA B 75 9.28 -29.30 11.22
C ALA B 75 7.90 -29.66 11.78
N ILE B 76 6.94 -29.90 10.90
CA ILE B 76 5.62 -30.34 11.36
C ILE B 76 5.71 -31.72 11.98
N ALA B 77 6.40 -32.64 11.31
CA ALA B 77 6.63 -33.98 11.85
C ALA B 77 7.22 -33.93 13.26
N GLU B 78 8.34 -33.23 13.41
CA GLU B 78 9.06 -33.29 14.68
C GLU B 78 8.39 -32.44 15.76
N LEU B 79 7.67 -31.36 15.39
CA LEU B 79 7.10 -30.46 16.38
C LEU B 79 5.58 -30.50 16.47
N GLY B 80 4.88 -30.87 15.41
CA GLY B 80 3.43 -30.89 15.47
C GLY B 80 2.77 -29.91 14.53
N SER B 81 3.36 -28.73 14.39
CA SER B 81 2.84 -27.67 13.55
C SER B 81 3.96 -26.67 13.30
N VAL B 82 3.70 -25.70 12.42
CA VAL B 82 4.47 -24.47 12.34
C VAL B 82 3.48 -23.35 12.60
N ASP B 83 3.55 -22.71 13.77
CA ASP B 83 2.68 -21.59 14.09
C ASP B 83 3.25 -20.25 13.66
N VAL B 84 4.57 -20.12 13.60
CA VAL B 84 5.24 -18.86 13.27
C VAL B 84 6.43 -19.16 12.38
N LEU B 85 6.48 -18.55 11.21
CA LEU B 85 7.66 -18.56 10.37
C LEU B 85 8.29 -17.17 10.39
N VAL B 86 9.58 -17.11 10.72
CA VAL B 86 10.38 -15.90 10.65
C VAL B 86 11.37 -16.09 9.51
N ASN B 87 11.23 -15.34 8.42
CA ASN B 87 12.14 -15.43 7.28
C ASN B 87 13.26 -14.42 7.47
N ASN B 88 14.46 -14.92 7.73
CA ASN B 88 15.62 -14.11 8.02
C ASN B 88 16.84 -14.55 7.20
N ALA B 89 16.65 -14.98 5.96
CA ALA B 89 17.67 -15.78 5.27
C ALA B 89 18.78 -14.92 4.64
N GLY B 90 19.96 -15.52 4.57
CA GLY B 90 21.15 -14.90 3.97
C GLY B 90 22.12 -14.42 5.02
N ILE B 91 23.41 -14.47 4.68
CA ILE B 91 24.45 -14.02 5.59
C ILE B 91 24.91 -12.61 5.23
N LYS B 99 33.10 -6.90 3.51
CA LYS B 99 34.21 -7.56 2.82
C LYS B 99 33.87 -7.84 1.37
N MET B 100 32.63 -8.30 1.17
CA MET B 100 32.18 -8.83 -0.11
C MET B 100 32.00 -7.71 -1.14
N THR B 101 31.98 -8.11 -2.40
CA THR B 101 31.78 -7.16 -3.49
C THR B 101 30.30 -7.00 -3.79
N GLU B 102 30.01 -6.32 -4.90
CA GLU B 102 28.63 -6.01 -5.28
C GLU B 102 27.88 -7.24 -5.75
N ALA B 103 28.58 -8.19 -6.38
CA ALA B 103 27.93 -9.39 -6.88
C ALA B 103 27.52 -10.30 -5.72
N ASP B 104 28.43 -10.54 -4.77
CA ASP B 104 28.05 -11.25 -3.55
C ASP B 104 26.92 -10.53 -2.80
N PHE B 105 26.78 -9.22 -3.02
CA PHE B 105 25.73 -8.48 -2.34
C PHE B 105 24.38 -8.74 -3.01
N GLU B 106 24.34 -8.72 -4.34
CA GLU B 106 23.13 -9.08 -5.05
C GLU B 106 22.67 -10.49 -4.70
N LYS B 107 23.60 -11.45 -4.73
CA LYS B 107 23.25 -12.84 -4.43
C LYS B 107 22.65 -12.97 -3.04
N VAL B 108 23.21 -12.27 -2.05
CA VAL B 108 22.65 -12.34 -0.70
C VAL B 108 21.27 -11.71 -0.66
N LEU B 109 21.07 -10.64 -1.43
CA LEU B 109 19.73 -10.05 -1.51
C LEU B 109 18.77 -11.03 -2.15
N LYS B 110 19.19 -11.69 -3.24
CA LYS B 110 18.26 -12.57 -3.95
C LYS B 110 17.91 -13.79 -3.10
N VAL B 111 18.84 -14.20 -2.24
CA VAL B 111 18.59 -15.33 -1.35
C VAL B 111 17.54 -14.97 -0.31
N ASN B 112 17.64 -13.76 0.25
CA ASN B 112 16.62 -13.31 1.20
C ASN B 112 15.23 -13.36 0.59
N LEU B 113 15.04 -12.73 -0.57
CA LEU B 113 13.75 -12.79 -1.29
C LEU B 113 13.31 -14.19 -1.66
N THR B 114 14.17 -14.95 -2.38
CA THR B 114 13.77 -16.28 -2.80
C THR B 114 13.40 -17.13 -1.61
N GLY B 115 14.23 -17.10 -0.57
CA GLY B 115 13.94 -17.88 0.62
C GLY B 115 12.66 -17.44 1.30
N ALA B 116 12.42 -16.12 1.37
CA ALA B 116 11.16 -15.64 1.92
C ALA B 116 10.00 -16.13 1.07
N PHE B 117 10.11 -16.00 -0.26
CA PHE B 117 9.07 -16.51 -1.13
C PHE B 117 8.79 -17.99 -0.89
N ASN B 118 9.83 -18.83 -0.97
CA ASN B 118 9.61 -20.28 -0.96
C ASN B 118 9.13 -20.75 0.40
N MET B 119 9.71 -20.21 1.47
CA MET B 119 9.34 -20.71 2.79
C MET B 119 7.91 -20.26 3.11
N THR B 120 7.54 -19.05 2.65
CA THR B 120 6.17 -18.57 2.83
C THR B 120 5.17 -19.44 2.08
N GLN B 121 5.43 -19.66 0.78
CA GLN B 121 4.52 -20.50 0.00
C GLN B 121 4.36 -21.89 0.62
N SER B 122 5.45 -22.48 1.13
CA SER B 122 5.37 -23.79 1.75
C SER B 122 4.54 -23.75 3.02
N VAL B 123 4.84 -22.81 3.92
CA VAL B 123 4.16 -22.86 5.22
C VAL B 123 2.71 -22.42 5.08
N LEU B 124 2.37 -21.71 4.01
CA LEU B 124 0.98 -21.25 3.89
C LEU B 124 0.04 -22.43 3.67
N LYS B 125 0.54 -23.54 3.12
CA LYS B 125 -0.34 -24.68 2.87
C LYS B 125 -0.92 -25.21 4.18
N PRO B 126 -0.12 -25.58 5.18
CA PRO B 126 -0.75 -25.97 6.46
C PRO B 126 -1.40 -24.80 7.18
N MET B 127 -0.82 -23.59 7.17
CA MET B 127 -1.45 -22.55 7.99
C MET B 127 -2.86 -22.23 7.49
N MET B 128 -3.05 -22.13 6.16
CA MET B 128 -4.39 -21.80 5.65
C MET B 128 -5.39 -22.90 5.95
N LYS B 129 -4.93 -24.15 6.01
CA LYS B 129 -5.84 -25.24 6.39
C LYS B 129 -6.16 -25.16 7.88
N ALA B 130 -5.20 -24.77 8.71
CA ALA B 130 -5.44 -24.62 10.13
C ALA B 130 -6.16 -23.32 10.49
N ARG B 131 -6.26 -22.38 9.55
CA ARG B 131 -6.82 -21.04 9.79
C ARG B 131 -6.11 -20.32 10.93
N GLU B 132 -4.78 -20.42 10.97
CA GLU B 132 -4.02 -19.65 11.95
C GLU B 132 -2.55 -19.64 11.56
N GLY B 133 -1.85 -18.60 11.99
CA GLY B 133 -0.43 -18.49 11.70
C GLY B 133 0.02 -17.05 11.64
N ALA B 134 1.32 -16.86 11.81
CA ALA B 134 2.01 -15.58 11.66
C ALA B 134 3.29 -15.79 10.85
N ILE B 135 3.55 -14.86 9.93
CA ILE B 135 4.77 -14.88 9.13
C ILE B 135 5.42 -13.51 9.23
N ILE B 136 6.71 -13.49 9.55
CA ILE B 136 7.45 -12.25 9.71
C ILE B 136 8.62 -12.27 8.74
N ASN B 137 8.59 -11.37 7.78
CA ASN B 137 9.69 -11.24 6.84
C ASN B 137 10.64 -10.14 7.33
N MET B 138 11.91 -10.48 7.38
CA MET B 138 12.97 -9.61 7.89
C MET B 138 13.73 -9.13 6.66
N SER B 139 13.83 -7.83 6.47
CA SER B 139 14.76 -7.40 5.43
C SER B 139 16.18 -7.50 6.00
N SER B 140 17.16 -7.48 5.08
CA SER B 140 18.55 -7.67 5.50
C SER B 140 19.08 -6.46 6.26
N VAL B 141 19.87 -6.75 7.28
CA VAL B 141 20.51 -5.70 8.07
C VAL B 141 21.33 -4.79 7.17
N VAL B 142 21.23 -3.49 7.45
CA VAL B 142 21.86 -2.46 6.63
C VAL B 142 23.32 -2.31 7.06
N GLY B 143 24.24 -2.53 6.12
CA GLY B 143 25.64 -2.31 6.34
C GLY B 143 26.17 -1.13 5.54
N LEU B 144 27.49 -1.15 5.29
CA LEU B 144 28.18 -0.09 4.57
C LEU B 144 27.85 -0.19 3.09
N MET B 145 27.24 0.85 2.51
CA MET B 145 26.80 0.75 1.12
C MET B 145 27.14 1.98 0.30
N GLY B 146 27.69 1.77 -0.89
CA GLY B 146 27.89 2.82 -1.86
C GLY B 146 26.71 2.95 -2.80
N ASN B 147 26.92 3.76 -3.83
CA ASN B 147 25.95 4.03 -4.88
C ASN B 147 25.19 2.80 -5.33
N ILE B 148 25.86 1.93 -6.09
CA ILE B 148 25.21 0.77 -6.67
C ILE B 148 24.55 -0.08 -5.59
N GLY B 149 25.21 -0.21 -4.44
CA GLY B 149 24.68 -1.06 -3.38
C GLY B 149 23.31 -0.61 -2.89
N GLN B 150 23.17 0.69 -2.61
CA GLN B 150 21.89 1.17 -2.10
C GLN B 150 20.78 0.99 -3.12
N ALA B 151 21.08 1.14 -4.41
CA ALA B 151 20.06 0.95 -5.44
C ALA B 151 19.53 -0.48 -5.41
N ASN B 152 20.43 -1.46 -5.38
CA ASN B 152 20.01 -2.84 -5.34
C ASN B 152 19.26 -3.15 -4.05
N TYR B 153 19.76 -2.61 -2.93
CA TYR B 153 19.05 -2.78 -1.66
C TYR B 153 17.64 -2.22 -1.73
N ALA B 154 17.48 -1.02 -2.30
CA ALA B 154 16.16 -0.41 -2.32
C ALA B 154 15.19 -1.21 -3.18
N ALA B 155 15.68 -1.75 -4.31
CA ALA B 155 14.79 -2.54 -5.16
C ALA B 155 14.38 -3.85 -4.47
N SER B 156 15.32 -4.50 -3.80
CA SER B 156 15.00 -5.76 -3.12
C SER B 156 14.02 -5.53 -1.97
N LYS B 157 14.20 -4.44 -1.24
CA LYS B 157 13.28 -4.10 -0.15
C LYS B 157 11.90 -3.78 -0.70
N ALA B 158 11.82 -3.03 -1.80
CA ALA B 158 10.53 -2.81 -2.44
C ALA B 158 9.88 -4.14 -2.80
N GLY B 159 10.68 -5.12 -3.21
CA GLY B 159 10.13 -6.43 -3.54
C GLY B 159 9.62 -7.16 -2.32
N LEU B 160 10.40 -7.19 -1.24
CA LEU B 160 9.97 -7.90 -0.05
C LEU B 160 8.73 -7.26 0.57
N ILE B 161 8.65 -5.92 0.53
CA ILE B 161 7.48 -5.21 1.08
C ILE B 161 6.26 -5.45 0.22
N GLY B 162 6.38 -5.25 -1.10
CA GLY B 162 5.27 -5.56 -1.99
C GLY B 162 4.78 -6.99 -1.85
N PHE B 163 5.71 -7.94 -1.79
CA PHE B 163 5.34 -9.35 -1.61
C PHE B 163 4.57 -9.52 -0.30
N THR B 164 5.10 -8.97 0.79
CA THR B 164 4.48 -9.14 2.11
C THR B 164 3.08 -8.53 2.16
N LYS B 165 2.92 -7.31 1.65
CA LYS B 165 1.59 -6.69 1.71
C LYS B 165 0.59 -7.46 0.87
N SER B 166 0.99 -7.89 -0.34
CA SER B 166 0.10 -8.68 -1.18
C SER B 166 -0.29 -9.98 -0.50
N VAL B 167 0.68 -10.73 0.03
CA VAL B 167 0.35 -11.99 0.72
C VAL B 167 -0.62 -11.73 1.86
N ALA B 168 -0.32 -10.72 2.67
CA ALA B 168 -1.17 -10.36 3.81
C ALA B 168 -2.61 -10.14 3.37
N ARG B 169 -2.82 -9.36 2.31
CA ARG B 169 -4.16 -9.25 1.70
C ARG B 169 -4.78 -10.61 1.42
N GLU B 170 -4.00 -11.53 0.84
CA GLU B 170 -4.57 -12.73 0.28
C GLU B 170 -4.98 -13.71 1.35
N VAL B 171 -4.31 -13.67 2.50
CA VAL B 171 -4.46 -14.71 3.51
C VAL B 171 -5.16 -14.23 4.77
N ALA B 172 -5.47 -12.92 4.87
CA ALA B 172 -6.17 -12.38 6.05
C ALA B 172 -7.47 -13.12 6.30
N SER B 173 -8.21 -13.47 5.25
CA SER B 173 -9.50 -14.11 5.49
C SER B 173 -9.35 -15.49 6.11
N ARG B 174 -8.16 -16.08 6.08
CA ARG B 174 -7.92 -17.34 6.76
C ARG B 174 -7.15 -17.14 8.05
N ASN B 175 -7.21 -15.93 8.61
CA ASN B 175 -6.70 -15.66 9.95
C ASN B 175 -5.17 -15.76 10.04
N ILE B 176 -4.45 -15.48 8.95
CA ILE B 176 -2.99 -15.50 8.97
C ILE B 176 -2.46 -14.07 8.93
N ARG B 177 -1.54 -13.74 9.82
CA ARG B 177 -0.95 -12.40 9.89
C ARG B 177 0.45 -12.39 9.26
N VAL B 178 0.73 -11.40 8.41
CA VAL B 178 1.99 -11.35 7.69
C VAL B 178 2.51 -9.92 7.78
N ASN B 179 3.74 -9.74 8.26
CA ASN B 179 4.33 -8.42 8.48
C ASN B 179 5.81 -8.43 8.09
N VAL B 180 6.36 -7.23 7.91
CA VAL B 180 7.77 -7.01 7.57
C VAL B 180 8.42 -6.25 8.71
N ILE B 181 9.61 -6.69 9.12
CA ILE B 181 10.49 -5.90 9.97
C ILE B 181 11.71 -5.47 9.18
N ALA B 182 12.10 -4.21 9.30
CA ALA B 182 13.22 -3.65 8.55
C ALA B 182 14.28 -3.16 9.51
N PRO B 183 15.26 -4.01 9.85
CA PRO B 183 16.31 -3.59 10.78
C PRO B 183 17.18 -2.53 10.13
N GLY B 184 17.77 -1.69 10.98
CA GLY B 184 18.72 -0.71 10.52
C GLY B 184 20.14 -1.16 10.76
N MET B 185 20.99 -0.23 11.17
CA MET B 185 22.38 -0.55 11.45
C MET B 185 22.46 -1.12 12.85
N ILE B 186 22.75 -2.41 12.94
CA ILE B 186 22.72 -3.14 14.20
C ILE B 186 24.15 -3.41 14.65
N GLU B 187 24.43 -3.14 15.92
CA GLU B 187 25.73 -3.46 16.49
C GLU B 187 25.98 -4.95 16.38
N SER B 188 27.15 -5.31 15.88
CA SER B 188 27.54 -6.69 15.73
C SER B 188 28.84 -6.94 16.48
N ASP B 189 29.15 -8.23 16.62
CA ASP B 189 30.42 -8.65 17.20
C ASP B 189 31.58 -7.99 16.46
N MET B 190 31.41 -7.78 15.16
CA MET B 190 32.35 -7.02 14.35
C MET B 190 32.55 -5.60 14.86
N THR B 191 31.48 -4.91 15.32
CA THR B 191 31.51 -3.45 15.41
C THR B 191 32.60 -2.94 16.35
N ALA B 192 32.92 -3.70 17.41
CA ALA B 192 33.90 -3.22 18.39
C ALA B 192 35.30 -3.08 17.81
N ILE B 193 35.58 -3.66 16.65
CA ILE B 193 36.90 -3.60 16.05
C ILE B 193 36.94 -2.69 14.84
N LEU B 194 35.84 -2.04 14.49
CA LEU B 194 35.85 -1.07 13.42
C LEU B 194 36.63 0.16 13.88
N SER B 195 36.95 1.05 12.96
CA SER B 195 37.71 2.20 13.41
C SER B 195 36.76 3.36 13.70
N ASP B 196 37.22 4.25 14.56
CA ASP B 196 36.39 5.34 15.04
C ASP B 196 36.01 6.28 13.91
N LYS B 197 36.88 6.44 12.92
CA LYS B 197 36.50 7.29 11.80
C LYS B 197 35.30 6.70 11.05
N ILE B 198 35.33 5.40 10.75
CA ILE B 198 34.21 4.82 10.01
C ILE B 198 32.96 4.78 10.88
N LYS B 199 33.12 4.61 12.19
CA LYS B 199 31.97 4.57 13.07
C LYS B 199 31.31 5.95 13.16
N GLU B 200 32.08 6.98 13.56
CA GLU B 200 31.48 8.30 13.67
C GLU B 200 30.89 8.74 12.33
N ALA B 201 31.40 8.23 11.21
CA ALA B 201 30.87 8.63 9.92
C ALA B 201 29.57 7.92 9.56
N THR B 202 29.33 6.71 10.09
CA THR B 202 28.03 6.09 9.86
C THR B 202 26.99 6.48 10.91
N LEU B 203 27.40 6.64 12.18
CA LEU B 203 26.52 7.21 13.19
C LEU B 203 25.91 8.53 12.72
N ALA B 204 26.72 9.37 12.08
CA ALA B 204 26.25 10.64 11.54
C ALA B 204 25.13 10.49 10.53
N GLN B 205 24.87 9.28 10.05
CA GLN B 205 23.78 9.07 9.11
C GLN B 205 22.49 8.63 9.80
N ILE B 206 22.53 8.36 11.09
CA ILE B 206 21.41 7.79 11.82
C ILE B 206 20.81 8.89 12.67
N PRO B 207 19.54 9.28 12.41
CA PRO B 207 18.91 10.35 13.21
C PRO B 207 19.13 10.20 14.71
N MET B 208 18.94 9.00 15.26
CA MET B 208 19.18 8.84 16.69
C MET B 208 20.64 8.65 17.08
N LYS B 209 21.61 8.80 16.18
CA LYS B 209 23.02 8.90 16.58
C LYS B 209 23.50 7.72 17.42
N GLU B 210 23.02 6.51 17.10
CA GLU B 210 23.49 5.31 17.81
C GLU B 210 23.15 4.10 16.95
N PHE B 211 23.77 2.97 17.27
CA PHE B 211 23.52 1.70 16.61
C PHE B 211 22.45 0.94 17.36
N GLY B 212 21.70 0.11 16.61
CA GLY B 212 20.82 -0.84 17.23
C GLY B 212 21.53 -2.01 17.89
N GLN B 213 20.73 -2.72 18.68
CA GLN B 213 21.02 -3.93 19.43
C GLN B 213 20.28 -5.08 18.74
N ALA B 214 20.95 -6.23 18.57
CA ALA B 214 20.23 -7.41 18.09
C ALA B 214 19.01 -7.71 18.96
N GLU B 215 19.12 -7.47 20.27
CA GLU B 215 18.06 -7.81 21.20
C GLU B 215 16.81 -6.99 20.94
N GLN B 216 16.96 -5.77 20.45
CA GLN B 216 15.79 -4.94 20.13
C GLN B 216 15.06 -5.49 18.92
N VAL B 217 15.79 -5.95 17.90
CA VAL B 217 15.14 -6.59 16.76
C VAL B 217 14.41 -7.84 17.22
N ALA B 218 15.05 -8.61 18.10
CA ALA B 218 14.45 -9.83 18.61
C ALA B 218 13.15 -9.54 19.40
N ASP B 219 13.16 -8.47 20.19
CA ASP B 219 11.96 -8.12 20.97
C ASP B 219 10.80 -7.78 20.05
N LEU B 220 11.06 -6.97 19.02
CA LEU B 220 9.99 -6.64 18.09
C LEU B 220 9.46 -7.88 17.39
N THR B 221 10.36 -8.79 17.00
CA THR B 221 9.97 -10.01 16.29
C THR B 221 9.04 -10.85 17.14
N VAL B 222 9.40 -11.03 18.42
CA VAL B 222 8.58 -11.86 19.30
C VAL B 222 7.26 -11.17 19.59
N PHE B 223 7.29 -9.84 19.75
CA PHE B 223 6.04 -9.14 20.02
C PHE B 223 5.08 -9.30 18.86
N LEU B 224 5.57 -9.09 17.62
CA LEU B 224 4.69 -9.18 16.46
C LEU B 224 4.10 -10.58 16.32
N ALA B 225 4.90 -11.59 16.64
CA ALA B 225 4.47 -12.96 16.45
C ALA B 225 3.27 -13.28 17.32
N GLY B 226 3.24 -12.74 18.53
CA GLY B 226 2.12 -12.96 19.41
C GLY B 226 1.00 -11.94 19.32
N GLN B 227 1.12 -10.88 18.55
CA GLN B 227 0.15 -9.79 18.59
C GLN B 227 -0.95 -10.08 17.58
N ASP B 228 -2.11 -10.51 18.07
CA ASP B 228 -3.21 -10.73 17.17
C ASP B 228 -3.73 -9.40 16.61
N TYR B 229 -4.24 -9.49 15.38
CA TYR B 229 -5.07 -8.54 14.65
C TYR B 229 -4.16 -7.49 13.99
N LEU B 230 -2.82 -7.71 14.03
CA LEU B 230 -1.84 -6.83 13.38
C LEU B 230 -1.26 -7.55 12.15
N THR B 231 -1.57 -7.02 10.97
CA THR B 231 -1.12 -7.66 9.74
C THR B 231 -0.91 -6.63 8.65
N GLY B 232 -0.09 -6.99 7.66
CA GLY B 232 0.21 -6.09 6.57
C GLY B 232 1.11 -4.90 6.92
N GLN B 233 1.73 -4.88 8.08
CA GLN B 233 2.53 -3.75 8.52
C GLN B 233 3.99 -3.89 8.11
N VAL B 234 4.61 -2.73 7.87
CA VAL B 234 6.06 -2.59 7.69
C VAL B 234 6.57 -1.75 8.84
N ILE B 235 7.41 -2.35 9.68
CA ILE B 235 7.90 -1.69 10.88
C ILE B 235 9.42 -1.64 10.81
N ALA B 236 9.97 -0.45 10.54
CA ALA B 236 11.41 -0.25 10.61
C ALA B 236 11.83 -0.11 12.07
N ILE B 237 12.94 -0.75 12.42
CA ILE B 237 13.57 -0.57 13.72
C ILE B 237 15.02 -0.16 13.44
N ASP B 238 15.25 1.14 13.27
CA ASP B 238 16.47 1.61 12.64
C ASP B 238 16.88 3.00 13.10
N GLY B 239 16.43 3.46 14.25
CA GLY B 239 16.77 4.79 14.73
C GLY B 239 16.42 5.90 13.76
N GLY B 240 15.44 5.69 12.88
CA GLY B 240 15.04 6.70 11.94
C GLY B 240 15.78 6.72 10.62
N LEU B 241 16.66 5.75 10.39
CA LEU B 241 17.42 5.70 9.14
C LEU B 241 16.52 5.75 7.92
N SER B 242 15.42 5.01 7.92
CA SER B 242 14.57 4.95 6.73
C SER B 242 13.49 6.04 6.69
N MET B 243 13.53 7.02 7.59
CA MET B 243 12.50 8.07 7.58
C MET B 243 12.71 9.03 6.42
N MET C 1 -2.76 6.83 -32.67
CA MET C 1 -2.04 5.60 -32.40
C MET C 1 -0.65 5.85 -31.86
N LYS C 2 -0.51 5.54 -30.56
CA LYS C 2 0.76 5.61 -29.87
C LYS C 2 1.60 4.36 -30.09
N LEU C 3 1.07 3.37 -30.82
CA LEU C 3 1.71 2.06 -30.84
C LEU C 3 2.04 1.52 -32.23
N GLU C 4 1.67 2.24 -33.30
CA GLU C 4 1.96 1.77 -34.65
C GLU C 4 3.45 1.47 -34.81
N HIS C 5 3.75 0.26 -35.25
CA HIS C 5 5.09 -0.28 -35.50
C HIS C 5 5.91 -0.51 -34.22
N LYS C 6 5.34 -0.30 -33.02
CA LYS C 6 6.03 -0.80 -31.83
C LYS C 6 6.06 -2.32 -31.87
N ASN C 7 7.05 -2.91 -31.21
CA ASN C 7 7.26 -4.35 -31.29
C ASN C 7 6.91 -4.97 -29.95
N ILE C 8 5.86 -5.80 -29.95
CA ILE C 8 5.25 -6.34 -28.74
C ILE C 8 5.53 -7.83 -28.70
N PHE C 9 6.13 -8.29 -27.62
CA PHE C 9 6.44 -9.71 -27.48
C PHE C 9 5.32 -10.12 -26.52
N ILE C 10 4.45 -11.06 -26.90
CA ILE C 10 3.31 -11.44 -26.04
C ILE C 10 3.38 -12.92 -25.72
N THR C 11 3.80 -13.25 -24.51
CA THR C 11 3.89 -14.67 -24.16
C THR C 11 2.51 -15.28 -24.00
N GLY C 12 2.41 -16.56 -24.38
CA GLY C 12 1.18 -17.34 -24.21
C GLY C 12 0.03 -16.78 -25.01
N SER C 13 0.31 -16.30 -26.21
CA SER C 13 -0.69 -15.56 -26.95
C SER C 13 -1.43 -16.42 -27.97
N SER C 14 -1.45 -17.74 -27.79
CA SER C 14 -2.16 -18.59 -28.76
C SER C 14 -3.63 -18.80 -28.42
N ARG C 15 -4.07 -18.53 -27.19
CA ARG C 15 -5.44 -18.80 -26.76
C ARG C 15 -5.81 -17.82 -25.64
N GLY C 16 -7.12 -17.72 -25.36
CA GLY C 16 -7.57 -17.02 -24.16
C GLY C 16 -7.15 -15.55 -24.10
N ILE C 17 -6.74 -15.12 -22.89
CA ILE C 17 -6.37 -13.71 -22.65
C ILE C 17 -5.27 -13.26 -23.61
N GLY C 18 -4.21 -14.06 -23.72
CA GLY C 18 -3.08 -13.64 -24.54
C GLY C 18 -3.47 -13.45 -25.99
N LEU C 19 -4.34 -14.31 -26.52
CA LEU C 19 -4.82 -14.12 -27.88
C LEU C 19 -5.60 -12.83 -27.99
N ALA C 20 -6.50 -12.53 -27.02
CA ALA C 20 -7.24 -11.28 -27.08
C ALA C 20 -6.30 -10.08 -27.02
N ILE C 21 -5.25 -10.15 -26.18
CA ILE C 21 -4.29 -9.06 -26.13
C ILE C 21 -3.62 -8.90 -27.49
N ALA C 22 -3.21 -10.03 -28.10
CA ALA C 22 -2.56 -9.94 -29.41
C ALA C 22 -3.46 -9.22 -30.41
N HIS C 23 -4.78 -9.52 -30.38
CA HIS C 23 -5.70 -8.86 -31.33
C HIS C 23 -5.80 -7.36 -31.09
N LYS C 24 -5.89 -6.94 -29.82
CA LYS C 24 -5.93 -5.50 -29.53
C LYS C 24 -4.63 -4.80 -29.96
N PHE C 25 -3.49 -5.42 -29.68
CA PHE C 25 -2.25 -4.81 -30.16
C PHE C 25 -2.22 -4.73 -31.69
N ALA C 26 -2.70 -5.78 -32.37
CA ALA C 26 -2.67 -5.78 -33.84
C ALA C 26 -3.59 -4.69 -34.37
N GLN C 27 -4.72 -4.49 -33.71
CA GLN C 27 -5.66 -3.44 -34.07
C GLN C 27 -5.08 -2.03 -33.88
N ALA C 28 -4.13 -1.86 -32.95
CA ALA C 28 -3.45 -0.58 -32.77
C ALA C 28 -2.23 -0.41 -33.67
N GLY C 29 -2.02 -1.33 -34.61
CA GLY C 29 -0.95 -1.16 -35.58
C GLY C 29 0.41 -1.64 -35.14
N ALA C 30 0.50 -2.34 -34.02
CA ALA C 30 1.77 -2.83 -33.53
C ALA C 30 2.16 -4.15 -34.19
N ASN C 31 3.47 -4.35 -34.35
CA ASN C 31 4.01 -5.67 -34.66
C ASN C 31 3.99 -6.56 -33.44
N ILE C 32 3.78 -7.86 -33.67
N ILE C 32 3.73 -7.84 -33.63
CA ILE C 32 3.46 -8.82 -32.63
CA ILE C 32 3.54 -8.71 -32.49
C ILE C 32 4.43 -9.98 -32.69
C ILE C 32 4.33 -10.01 -32.66
N VAL C 33 4.78 -10.53 -31.53
CA VAL C 33 5.33 -11.87 -31.44
C VAL C 33 4.26 -12.74 -30.79
N LEU C 34 3.81 -13.75 -31.53
CA LEU C 34 2.93 -14.77 -30.98
C LEU C 34 3.78 -15.89 -30.42
N ASN C 35 3.46 -16.31 -29.21
CA ASN C 35 4.30 -17.22 -28.46
C ASN C 35 3.44 -18.27 -27.79
N SER C 36 3.92 -19.51 -27.78
CA SER C 36 3.37 -20.55 -26.93
C SER C 36 4.42 -21.63 -26.75
N ARG C 37 4.15 -22.54 -25.81
CA ARG C 37 5.04 -23.67 -25.59
C ARG C 37 5.16 -24.53 -26.85
N GLY C 38 4.02 -24.83 -27.48
CA GLY C 38 4.00 -25.59 -28.72
C GLY C 38 4.09 -24.68 -29.93
N ALA C 39 4.02 -25.31 -31.10
CA ALA C 39 4.21 -24.57 -32.36
C ALA C 39 2.98 -23.71 -32.65
N ILE C 40 3.21 -22.58 -33.30
CA ILE C 40 2.13 -21.69 -33.71
C ILE C 40 1.53 -22.22 -35.01
N SER C 41 0.19 -22.48 -35.00
CA SER C 41 -0.53 -23.17 -36.07
C SER C 41 -0.57 -22.28 -37.30
N GLU C 42 -0.95 -22.84 -38.47
CA GLU C 42 -0.70 -22.00 -39.64
C GLU C 42 -1.88 -21.01 -39.76
N GLU C 43 -3.05 -21.57 -39.49
CA GLU C 43 -4.32 -20.91 -39.18
C GLU C 43 -4.10 -19.66 -38.34
N LEU C 44 -3.46 -19.79 -37.15
CA LEU C 44 -3.33 -18.63 -36.25
C LEU C 44 -2.59 -17.49 -36.93
N LEU C 45 -1.46 -17.79 -37.57
CA LEU C 45 -0.73 -16.76 -38.31
C LEU C 45 -1.61 -16.13 -39.38
N ALA C 46 -2.41 -16.95 -40.07
CA ALA C 46 -3.28 -16.41 -41.11
C ALA C 46 -4.39 -15.53 -40.52
N GLU C 47 -4.83 -15.81 -39.29
CA GLU C 47 -5.84 -14.94 -38.68
C GLU C 47 -5.29 -13.56 -38.33
N PHE C 48 -3.98 -13.32 -38.49
CA PHE C 48 -3.36 -12.03 -38.21
C PHE C 48 -2.79 -11.38 -39.46
N SER C 49 -2.96 -11.98 -40.64
CA SER C 49 -2.23 -11.54 -41.82
C SER C 49 -2.90 -10.38 -42.53
N ASN C 50 -4.08 -9.94 -42.12
CA ASN C 50 -4.71 -8.81 -42.80
C ASN C 50 -4.77 -7.57 -41.92
N TYR C 51 -3.95 -7.51 -40.87
CA TYR C 51 -3.83 -6.31 -40.05
C TYR C 51 -2.85 -5.29 -40.63
N GLY C 52 -1.94 -5.71 -41.51
CA GLY C 52 -0.96 -4.78 -42.03
C GLY C 52 0.22 -4.60 -41.11
N ILE C 53 0.54 -5.61 -40.31
CA ILE C 53 1.61 -5.56 -39.34
C ILE C 53 2.52 -6.75 -39.60
N LYS C 54 3.68 -6.70 -38.96
CA LYS C 54 4.56 -7.85 -38.92
C LYS C 54 4.14 -8.75 -37.77
N VAL C 55 3.98 -10.02 -38.07
CA VAL C 55 3.58 -11.02 -37.10
C VAL C 55 4.67 -12.08 -37.11
N VAL C 56 5.29 -12.31 -35.95
CA VAL C 56 6.46 -13.17 -35.82
C VAL C 56 6.11 -14.29 -34.86
N PRO C 57 6.09 -15.57 -35.29
CA PRO C 57 5.88 -16.65 -34.33
C PRO C 57 7.16 -17.19 -33.73
N ILE C 58 7.16 -17.39 -32.40
CA ILE C 58 8.34 -17.81 -31.67
C ILE C 58 7.91 -18.74 -30.53
N SER C 59 8.09 -20.04 -30.74
CA SER C 59 7.73 -21.04 -29.73
C SER C 59 8.87 -21.23 -28.75
N GLY C 60 8.53 -21.66 -27.54
CA GLY C 60 9.57 -22.09 -26.63
C GLY C 60 9.09 -22.05 -25.18
N ASP C 61 10.05 -22.27 -24.28
CA ASP C 61 9.81 -22.46 -22.85
C ASP C 61 10.25 -21.20 -22.09
N VAL C 62 9.28 -20.40 -21.61
CA VAL C 62 9.65 -19.19 -20.87
C VAL C 62 10.29 -19.52 -19.53
N SER C 63 9.94 -20.66 -18.93
CA SER C 63 10.46 -21.00 -17.60
C SER C 63 11.88 -21.56 -17.62
N ASP C 64 12.58 -21.44 -18.75
CA ASP C 64 13.98 -21.84 -18.90
C ASP C 64 14.76 -20.62 -19.36
N PHE C 65 15.71 -20.16 -18.54
CA PHE C 65 16.29 -18.84 -18.78
C PHE C 65 16.99 -18.76 -20.12
N ALA C 66 17.76 -19.79 -20.47
CA ALA C 66 18.47 -19.78 -21.75
C ALA C 66 17.50 -19.75 -22.92
N ASP C 67 16.42 -20.52 -22.85
CA ASP C 67 15.44 -20.45 -23.92
C ASP C 67 14.72 -19.09 -23.92
N ALA C 68 14.49 -18.50 -22.74
CA ALA C 68 13.92 -17.15 -22.69
C ALA C 68 14.79 -16.16 -23.45
N LYS C 69 16.10 -16.21 -23.22
CA LYS C 69 17.02 -15.28 -23.89
C LYS C 69 17.06 -15.56 -25.39
N ARG C 70 17.12 -16.84 -25.77
CA ARG C 70 16.99 -17.19 -27.19
C ARG C 70 15.76 -16.56 -27.84
N MET C 71 14.62 -16.63 -27.13
CA MET C 71 13.38 -16.13 -27.72
C MET C 71 13.45 -14.61 -27.90
N ILE C 72 13.95 -13.88 -26.89
CA ILE C 72 14.04 -12.42 -27.01
C ILE C 72 15.04 -12.03 -28.09
N ASP C 73 16.22 -12.67 -28.08
CA ASP C 73 17.19 -12.43 -29.14
C ASP C 73 16.55 -12.64 -30.51
N GLN C 74 15.86 -13.77 -30.67
CA GLN C 74 15.19 -14.05 -31.95
C GLN C 74 14.22 -12.94 -32.32
N ALA C 75 13.43 -12.45 -31.34
CA ALA C 75 12.50 -11.36 -31.63
C ALA C 75 13.23 -10.08 -32.01
N ILE C 76 14.33 -9.75 -31.30
CA ILE C 76 15.12 -8.57 -31.67
C ILE C 76 15.75 -8.78 -33.05
N ALA C 77 16.22 -10.00 -33.34
CA ALA C 77 16.76 -10.27 -34.68
C ALA C 77 15.71 -10.08 -35.76
N GLU C 78 14.45 -10.45 -35.49
CA GLU C 78 13.48 -10.43 -36.59
C GLU C 78 12.72 -9.09 -36.67
N LEU C 79 12.43 -8.46 -35.53
CA LEU C 79 11.84 -7.13 -35.53
C LEU C 79 12.93 -6.10 -35.22
N GLY C 80 12.58 -4.83 -35.23
CA GLY C 80 13.55 -3.84 -34.74
C GLY C 80 14.15 -4.20 -33.39
N SER C 81 13.30 -4.54 -32.43
CA SER C 81 13.62 -4.57 -31.00
C SER C 81 12.44 -5.22 -30.28
N VAL C 82 12.44 -5.18 -28.95
CA VAL C 82 11.27 -5.54 -28.14
C VAL C 82 10.92 -4.31 -27.30
N ASP C 83 9.89 -3.58 -27.72
CA ASP C 83 9.49 -2.35 -27.06
C ASP C 83 8.56 -2.58 -25.87
N VAL C 84 7.76 -3.63 -25.92
CA VAL C 84 6.76 -3.96 -24.91
C VAL C 84 6.81 -5.47 -24.70
N LEU C 85 7.03 -5.90 -23.45
CA LEU C 85 6.89 -7.30 -23.08
C LEU C 85 5.61 -7.46 -22.26
N VAL C 86 4.74 -8.36 -22.69
CA VAL C 86 3.53 -8.74 -21.95
C VAL C 86 3.73 -10.15 -21.45
N ASN C 87 3.88 -10.30 -20.13
CA ASN C 87 4.02 -11.62 -19.49
C ASN C 87 2.66 -12.13 -19.05
N ASN C 88 2.04 -12.91 -19.93
CA ASN C 88 0.71 -13.43 -19.72
C ASN C 88 0.80 -14.80 -19.04
N ALA C 89 -0.05 -15.02 -18.02
CA ALA C 89 0.05 -16.19 -17.12
C ALA C 89 -1.30 -16.92 -17.04
N GLY C 90 -1.58 -17.75 -18.04
CA GLY C 90 -2.83 -18.50 -18.08
C GLY C 90 -2.98 -19.56 -17.01
N GLU C 102 -4.48 -30.11 -8.25
CA GLU C 102 -3.46 -30.93 -7.61
C GLU C 102 -2.06 -30.34 -7.86
N ALA C 103 -1.05 -31.20 -7.84
CA ALA C 103 0.30 -30.74 -8.16
C ALA C 103 0.40 -30.16 -9.56
N ASP C 104 -0.57 -30.44 -10.44
CA ASP C 104 -0.57 -29.81 -11.75
C ASP C 104 -0.77 -28.30 -11.64
N PHE C 105 -1.71 -27.88 -10.77
CA PHE C 105 -1.95 -26.46 -10.55
C PHE C 105 -0.68 -25.76 -10.08
N GLU C 106 0.08 -26.41 -9.19
CA GLU C 106 1.29 -25.80 -8.67
C GLU C 106 2.36 -25.67 -9.74
N LYS C 107 2.48 -26.65 -10.63
CA LYS C 107 3.52 -26.58 -11.64
C LYS C 107 3.24 -25.47 -12.65
N VAL C 108 1.96 -25.20 -12.93
CA VAL C 108 1.63 -24.16 -13.91
C VAL C 108 1.92 -22.79 -13.34
N LEU C 109 1.57 -22.56 -12.08
CA LEU C 109 1.87 -21.28 -11.43
C LEU C 109 3.37 -21.03 -11.42
N LYS C 110 4.15 -22.09 -11.15
CA LYS C 110 5.60 -21.97 -11.09
C LYS C 110 6.19 -21.66 -12.46
N VAL C 111 5.65 -22.28 -13.51
CA VAL C 111 6.12 -21.96 -14.86
C VAL C 111 5.79 -20.52 -15.20
N ASN C 112 4.61 -20.05 -14.77
CA ASN C 112 4.18 -18.69 -15.09
C ASN C 112 4.99 -17.64 -14.34
N LEU C 113 5.26 -17.85 -13.05
CA LEU C 113 6.04 -16.88 -12.30
C LEU C 113 7.49 -16.89 -12.77
N THR C 114 8.08 -18.08 -12.95
CA THR C 114 9.43 -18.16 -13.50
C THR C 114 9.50 -17.57 -14.88
N GLY C 115 8.46 -17.78 -15.69
CA GLY C 115 8.43 -17.21 -17.03
C GLY C 115 8.54 -15.70 -17.01
N ALA C 116 7.73 -15.04 -16.16
CA ALA C 116 7.81 -13.59 -16.03
C ALA C 116 9.19 -13.12 -15.58
N PHE C 117 9.83 -13.83 -14.65
CA PHE C 117 11.16 -13.43 -14.21
C PHE C 117 12.18 -13.56 -15.34
N ASN C 118 12.20 -14.71 -16.02
CA ASN C 118 13.19 -14.94 -17.08
C ASN C 118 13.03 -13.97 -18.24
N MET C 119 11.79 -13.81 -18.72
CA MET C 119 11.59 -12.95 -19.89
C MET C 119 11.87 -11.49 -19.54
N THR C 120 11.52 -11.07 -18.32
CA THR C 120 11.79 -9.70 -17.92
C THR C 120 13.29 -9.42 -17.89
N GLN C 121 14.05 -10.31 -17.26
CA GLN C 121 15.50 -10.12 -17.21
C GLN C 121 16.11 -10.08 -18.60
N SER C 122 15.66 -10.96 -19.50
CA SER C 122 16.23 -11.01 -20.85
C SER C 122 15.94 -9.74 -21.62
N VAL C 123 14.78 -9.11 -21.42
CA VAL C 123 14.41 -7.98 -22.27
C VAL C 123 14.98 -6.66 -21.76
N LEU C 124 15.50 -6.59 -20.53
CA LEU C 124 15.81 -5.30 -19.90
C LEU C 124 17.06 -4.63 -20.48
N LYS C 125 18.14 -5.38 -20.69
CA LYS C 125 19.36 -4.74 -21.21
C LYS C 125 19.09 -3.94 -22.47
N PRO C 126 18.46 -4.47 -23.52
CA PRO C 126 18.11 -3.60 -24.65
C PRO C 126 17.24 -2.42 -24.28
N MET C 127 16.24 -2.58 -23.40
CA MET C 127 15.37 -1.43 -23.11
C MET C 127 16.13 -0.36 -22.34
N MET C 128 16.92 -0.79 -21.36
CA MET C 128 17.67 0.16 -20.55
C MET C 128 18.59 1.00 -21.41
N LYS C 129 19.24 0.37 -22.40
CA LYS C 129 20.12 1.14 -23.27
C LYS C 129 19.31 2.12 -24.11
N ALA C 130 18.10 1.72 -24.52
CA ALA C 130 17.27 2.56 -25.37
C ALA C 130 16.58 3.70 -24.62
N ARG C 131 16.69 3.75 -23.30
CA ARG C 131 16.02 4.75 -22.46
C ARG C 131 14.48 4.53 -22.52
N GLU C 132 13.98 3.38 -22.98
CA GLU C 132 12.52 3.23 -23.01
C GLU C 132 12.09 1.76 -23.09
N GLY C 133 10.84 1.54 -22.69
CA GLY C 133 10.25 0.21 -22.71
C GLY C 133 9.04 0.15 -21.81
N ALA C 134 8.33 -0.98 -21.90
CA ALA C 134 7.19 -1.26 -21.03
C ALA C 134 7.07 -2.75 -20.78
N ILE C 135 6.89 -3.13 -19.53
CA ILE C 135 6.67 -4.51 -19.15
C ILE C 135 5.35 -4.57 -18.40
N ILE C 136 4.48 -5.49 -18.81
CA ILE C 136 3.16 -5.63 -18.23
C ILE C 136 3.05 -7.07 -17.74
N ASN C 137 3.03 -7.22 -16.42
CA ASN C 137 2.80 -8.52 -15.81
C ASN C 137 1.31 -8.73 -15.58
N MET C 138 0.92 -10.01 -15.66
CA MET C 138 -0.44 -10.55 -15.60
C MET C 138 -0.53 -11.54 -14.45
N SER C 139 -1.34 -11.25 -13.42
CA SER C 139 -1.57 -12.37 -12.51
C SER C 139 -2.71 -13.24 -13.05
N SER C 140 -2.81 -14.45 -12.56
CA SER C 140 -3.77 -15.36 -13.18
C SER C 140 -5.18 -15.11 -12.62
N VAL C 141 -6.18 -15.44 -13.45
CA VAL C 141 -7.54 -15.10 -13.07
C VAL C 141 -7.96 -15.88 -11.82
N VAL C 142 -8.98 -15.34 -11.12
CA VAL C 142 -9.54 -15.89 -9.90
C VAL C 142 -10.54 -17.00 -10.24
N GLY C 143 -10.60 -18.02 -9.37
CA GLY C 143 -11.64 -19.03 -9.45
C GLY C 143 -11.48 -20.00 -10.60
N GLY C 149 -7.89 -19.65 -2.23
CA GLY C 149 -7.93 -21.00 -1.71
C GLY C 149 -6.56 -21.63 -1.52
N GLN C 150 -5.81 -21.76 -2.62
CA GLN C 150 -4.50 -22.36 -2.52
C GLN C 150 -3.51 -21.41 -1.85
N ALA C 151 -2.65 -21.99 -1.03
CA ALA C 151 -1.43 -21.32 -0.66
C ALA C 151 -0.67 -20.86 -1.89
N ASN C 152 -0.62 -21.71 -2.93
CA ASN C 152 0.24 -21.41 -4.08
C ASN C 152 -0.31 -20.29 -4.92
N TYR C 153 -1.63 -20.23 -5.05
CA TYR C 153 -2.23 -19.12 -5.77
C TYR C 153 -1.90 -17.80 -5.06
N ALA C 154 -2.08 -17.74 -3.74
CA ALA C 154 -1.83 -16.52 -2.99
C ALA C 154 -0.36 -16.11 -3.08
N ALA C 155 0.55 -17.04 -2.79
CA ALA C 155 1.96 -16.71 -2.77
C ALA C 155 2.45 -16.32 -4.16
N SER C 156 1.94 -16.98 -5.19
CA SER C 156 2.46 -16.71 -6.53
C SER C 156 1.98 -15.37 -7.06
N LYS C 157 0.70 -15.04 -6.85
CA LYS C 157 0.24 -13.71 -7.22
C LYS C 157 1.02 -12.65 -6.45
N ALA C 158 1.21 -12.85 -5.14
CA ALA C 158 2.00 -11.89 -4.37
C ALA C 158 3.44 -11.86 -4.86
N GLY C 159 3.96 -13.02 -5.27
CA GLY C 159 5.32 -13.05 -5.76
C GLY C 159 5.47 -12.18 -6.99
N LEU C 160 4.51 -12.29 -7.91
CA LEU C 160 4.52 -11.46 -9.11
C LEU C 160 4.38 -9.97 -8.77
N ILE C 161 3.55 -9.63 -7.79
CA ILE C 161 3.39 -8.22 -7.43
C ILE C 161 4.69 -7.69 -6.83
N GLY C 162 5.30 -8.46 -5.93
CA GLY C 162 6.57 -8.01 -5.34
C GLY C 162 7.69 -7.90 -6.36
N PHE C 163 7.75 -8.84 -7.31
CA PHE C 163 8.74 -8.75 -8.39
C PHE C 163 8.50 -7.50 -9.22
N THR C 164 7.24 -7.25 -9.58
CA THR C 164 6.91 -6.05 -10.35
C THR C 164 7.35 -4.76 -9.66
N LYS C 165 7.12 -4.65 -8.35
CA LYS C 165 7.54 -3.42 -7.68
C LYS C 165 9.06 -3.32 -7.62
N SER C 166 9.73 -4.45 -7.35
CA SER C 166 11.18 -4.46 -7.32
C SER C 166 11.76 -3.96 -8.64
N VAL C 167 11.22 -4.47 -9.76
CA VAL C 167 11.77 -4.13 -11.07
C VAL C 167 11.42 -2.69 -11.44
N ALA C 168 10.19 -2.26 -11.13
CA ALA C 168 9.80 -0.89 -11.40
C ALA C 168 10.78 0.09 -10.73
N ARG C 169 11.12 -0.19 -9.47
CA ARG C 169 12.12 0.61 -8.75
C ARG C 169 13.48 0.53 -9.45
N GLU C 170 13.88 -0.68 -9.83
CA GLU C 170 15.21 -0.89 -10.41
C GLU C 170 15.39 -0.08 -11.70
N VAL C 171 14.36 0.00 -12.54
CA VAL C 171 14.54 0.46 -13.92
C VAL C 171 13.85 1.79 -14.19
N ALA C 172 13.22 2.42 -13.19
CA ALA C 172 12.49 3.67 -13.46
C ALA C 172 13.39 4.76 -14.01
N SER C 173 14.66 4.83 -13.55
CA SER C 173 15.53 5.93 -13.95
C SER C 173 15.90 5.87 -15.43
N ARG C 174 15.67 4.72 -16.09
CA ARG C 174 15.84 4.58 -17.53
C ARG C 174 14.53 4.65 -18.30
N ASN C 175 13.48 5.24 -17.72
CA ASN C 175 12.21 5.51 -18.41
C ASN C 175 11.53 4.22 -18.90
N ILE C 176 11.61 3.18 -18.10
CA ILE C 176 10.99 1.88 -18.40
C ILE C 176 9.86 1.67 -17.39
N ARG C 177 8.67 1.42 -17.91
CA ARG C 177 7.46 1.34 -17.10
C ARG C 177 7.12 -0.13 -16.85
N VAL C 178 6.90 -0.48 -15.60
CA VAL C 178 6.61 -1.85 -15.19
C VAL C 178 5.35 -1.81 -14.31
N ASN C 179 4.33 -2.59 -14.69
CA ASN C 179 3.02 -2.58 -14.02
C ASN C 179 2.48 -4.01 -14.01
N VAL C 180 1.53 -4.28 -13.10
CA VAL C 180 0.87 -5.58 -13.04
C VAL C 180 -0.62 -5.35 -13.21
N ILE C 181 -1.26 -6.22 -13.97
CA ILE C 181 -2.71 -6.29 -14.03
C ILE C 181 -3.17 -7.50 -13.23
N ALA C 182 -4.17 -7.31 -12.36
CA ALA C 182 -4.77 -8.38 -11.58
C ALA C 182 -6.23 -8.55 -12.01
N PRO C 183 -6.50 -9.48 -12.94
CA PRO C 183 -7.88 -9.69 -13.38
C PRO C 183 -8.66 -10.43 -12.31
N GLY C 184 -9.99 -10.29 -12.38
CA GLY C 184 -10.84 -11.03 -11.47
C GLY C 184 -11.33 -12.31 -12.10
N MET C 185 -12.62 -12.56 -11.98
CA MET C 185 -13.24 -13.71 -12.64
C MET C 185 -13.61 -13.31 -14.05
N ILE C 186 -13.20 -14.11 -15.02
CA ILE C 186 -13.44 -13.84 -16.43
C ILE C 186 -14.34 -14.94 -16.96
N GLU C 187 -15.36 -14.55 -17.72
CA GLU C 187 -16.21 -15.52 -18.38
C GLU C 187 -15.40 -16.33 -19.38
N SER C 188 -15.75 -17.60 -19.52
CA SER C 188 -15.07 -18.48 -20.46
C SER C 188 -16.00 -19.63 -20.79
N ASP C 189 -15.49 -20.60 -21.54
CA ASP C 189 -16.20 -21.87 -21.68
C ASP C 189 -16.48 -22.48 -20.34
N MET C 190 -15.61 -22.25 -19.37
CA MET C 190 -15.70 -23.00 -18.13
C MET C 190 -16.85 -22.48 -17.30
N THR C 191 -16.88 -21.14 -17.17
CA THR C 191 -17.98 -20.41 -16.56
C THR C 191 -19.32 -20.75 -17.20
N ALA C 192 -19.40 -20.64 -18.53
CA ALA C 192 -20.69 -20.72 -19.20
C ALA C 192 -21.39 -22.04 -18.91
N ILE C 193 -20.64 -23.15 -18.85
CA ILE C 193 -21.23 -24.46 -18.63
C ILE C 193 -20.98 -24.94 -17.21
N LEU C 194 -21.69 -24.36 -16.25
CA LEU C 194 -21.78 -24.91 -14.90
C LEU C 194 -23.13 -24.50 -14.34
N SER C 195 -23.40 -24.95 -13.11
CA SER C 195 -24.73 -24.79 -12.51
C SER C 195 -25.16 -23.33 -12.47
N ASP C 196 -26.43 -23.08 -12.79
CA ASP C 196 -26.99 -21.74 -12.72
C ASP C 196 -27.35 -21.32 -11.30
N LYS C 197 -27.13 -22.19 -10.32
CA LYS C 197 -27.21 -21.83 -8.92
C LYS C 197 -25.82 -21.59 -8.34
N ILE C 198 -24.79 -22.21 -8.93
CA ILE C 198 -23.42 -21.91 -8.57
C ILE C 198 -22.99 -20.56 -9.14
N LYS C 199 -23.35 -20.28 -10.41
CA LYS C 199 -23.08 -18.96 -10.98
C LYS C 199 -23.74 -17.87 -10.15
N GLU C 200 -25.00 -18.08 -9.74
CA GLU C 200 -25.70 -17.12 -8.91
C GLU C 200 -24.94 -16.85 -7.61
N ALA C 201 -24.56 -17.91 -6.91
CA ALA C 201 -23.79 -17.74 -5.69
C ALA C 201 -22.40 -17.17 -5.95
N THR C 202 -21.90 -17.33 -7.18
CA THR C 202 -20.55 -16.89 -7.49
C THR C 202 -20.56 -15.41 -7.85
N LEU C 203 -21.46 -15.02 -8.76
CA LEU C 203 -21.70 -13.61 -9.08
C LEU C 203 -22.08 -12.79 -7.86
N ALA C 204 -22.80 -13.36 -6.90
CA ALA C 204 -23.15 -12.60 -5.70
C ALA C 204 -21.90 -12.11 -4.97
N GLN C 205 -20.78 -12.83 -5.11
CA GLN C 205 -19.53 -12.47 -4.43
C GLN C 205 -18.82 -11.28 -5.07
N ILE C 206 -19.22 -10.86 -6.26
CA ILE C 206 -18.52 -9.81 -7.00
C ILE C 206 -19.30 -8.52 -6.83
N PRO C 207 -18.70 -7.44 -6.31
CA PRO C 207 -19.48 -6.22 -6.06
C PRO C 207 -20.22 -5.69 -7.27
N MET C 208 -19.70 -5.85 -8.50
CA MET C 208 -20.47 -5.47 -9.68
C MET C 208 -21.35 -6.58 -10.24
N LYS C 209 -21.46 -7.72 -9.56
CA LYS C 209 -22.51 -8.71 -9.84
C LYS C 209 -22.45 -9.23 -11.27
N GLU C 210 -21.25 -9.33 -11.85
CA GLU C 210 -21.10 -9.81 -13.22
C GLU C 210 -19.66 -10.30 -13.40
N PHE C 211 -19.46 -11.17 -14.38
CA PHE C 211 -18.12 -11.64 -14.73
C PHE C 211 -17.44 -10.66 -15.68
N GLY C 212 -16.10 -10.62 -15.61
CA GLY C 212 -15.32 -9.86 -16.57
C GLY C 212 -15.23 -10.56 -17.92
N GLN C 213 -14.64 -9.84 -18.87
CA GLN C 213 -14.43 -10.32 -20.24
C GLN C 213 -12.95 -10.18 -20.58
N ALA C 214 -12.42 -11.15 -21.34
CA ALA C 214 -11.01 -11.10 -21.74
C ALA C 214 -10.69 -9.79 -22.44
N GLU C 215 -11.63 -9.27 -23.22
CA GLU C 215 -11.38 -8.06 -23.98
C GLU C 215 -11.12 -6.86 -23.07
N GLN C 216 -11.68 -6.85 -21.85
CA GLN C 216 -11.42 -5.77 -20.88
C GLN C 216 -9.97 -5.81 -20.39
N VAL C 217 -9.47 -7.03 -20.10
CA VAL C 217 -8.06 -7.19 -19.77
C VAL C 217 -7.19 -6.72 -20.92
N ALA C 218 -7.57 -7.06 -22.16
CA ALA C 218 -6.76 -6.67 -23.32
C ALA C 218 -6.71 -5.16 -23.50
N ASP C 219 -7.84 -4.46 -23.33
CA ASP C 219 -7.86 -3.00 -23.45
C ASP C 219 -6.95 -2.34 -22.43
N LEU C 220 -6.97 -2.86 -21.20
CA LEU C 220 -6.10 -2.33 -20.16
C LEU C 220 -4.62 -2.58 -20.50
N THR C 221 -4.30 -3.79 -20.99
CA THR C 221 -2.91 -4.11 -21.36
C THR C 221 -2.39 -3.17 -22.45
N VAL C 222 -3.19 -2.93 -23.48
CA VAL C 222 -2.76 -2.03 -24.55
C VAL C 222 -2.61 -0.61 -24.03
N PHE C 223 -3.52 -0.17 -23.17
CA PHE C 223 -3.45 1.20 -22.68
C PHE C 223 -2.16 1.42 -21.90
N LEU C 224 -1.85 0.53 -20.95
CA LEU C 224 -0.62 0.66 -20.18
C LEU C 224 0.61 0.62 -21.07
N ALA C 225 0.61 -0.26 -22.09
CA ALA C 225 1.75 -0.34 -22.97
C ALA C 225 2.04 1.00 -23.64
N GLY C 226 1.01 1.78 -23.94
CA GLY C 226 1.16 3.04 -24.64
C GLY C 226 1.20 4.28 -23.76
N GLN C 227 1.01 4.14 -22.45
CA GLN C 227 0.82 5.27 -21.56
C GLN C 227 2.14 5.66 -20.89
N ASP C 228 2.61 6.86 -21.18
CA ASP C 228 3.80 7.38 -20.51
C ASP C 228 3.55 7.68 -19.03
N TYR C 229 4.57 7.41 -18.23
CA TYR C 229 4.90 8.09 -16.97
C TYR C 229 4.04 7.39 -15.92
N LEU C 230 3.58 6.19 -16.26
CA LEU C 230 2.79 5.35 -15.36
C LEU C 230 3.56 4.06 -15.06
N THR C 231 4.04 3.90 -13.84
CA THR C 231 4.84 2.73 -13.49
C THR C 231 4.61 2.36 -12.04
N GLY C 232 5.01 1.14 -11.69
CA GLY C 232 4.86 0.59 -10.35
C GLY C 232 3.44 0.33 -9.88
N GLN C 233 2.43 0.38 -10.77
CA GLN C 233 1.04 0.24 -10.38
C GLN C 233 0.56 -1.21 -10.36
N VAL C 234 -0.38 -1.48 -9.47
CA VAL C 234 -1.08 -2.75 -9.40
C VAL C 234 -2.54 -2.45 -9.66
N ILE C 235 -3.04 -2.82 -10.84
CA ILE C 235 -4.35 -2.38 -11.29
C ILE C 235 -5.24 -3.60 -11.38
N ALA C 236 -6.24 -3.64 -10.49
CA ALA C 236 -7.19 -4.73 -10.48
C ALA C 236 -8.32 -4.40 -11.44
N ILE C 237 -8.60 -5.32 -12.35
CA ILE C 237 -9.77 -5.20 -13.20
C ILE C 237 -10.67 -6.40 -12.91
N ASP C 238 -11.47 -6.25 -11.85
CA ASP C 238 -12.08 -7.41 -11.20
C ASP C 238 -13.48 -7.09 -10.66
N GLY C 239 -14.12 -6.04 -11.16
CA GLY C 239 -15.48 -5.74 -10.70
C GLY C 239 -15.55 -5.37 -9.24
N GLY C 240 -14.46 -4.85 -8.67
CA GLY C 240 -14.40 -4.51 -7.26
C GLY C 240 -14.04 -5.66 -6.35
N LEU C 241 -13.80 -6.85 -6.90
CA LEU C 241 -13.58 -8.05 -6.10
C LEU C 241 -12.54 -7.85 -5.00
N SER C 242 -11.48 -7.08 -5.27
CA SER C 242 -10.37 -6.94 -4.33
C SER C 242 -10.36 -5.59 -3.60
N MET C 243 -11.45 -4.83 -3.64
CA MET C 243 -11.44 -3.46 -3.10
C MET C 243 -10.94 -3.41 -1.66
N MET D 1 -15.92 3.29 -31.14
CA MET D 1 -15.53 4.15 -30.05
C MET D 1 -16.42 3.86 -28.86
N LYS D 2 -15.83 3.73 -27.67
CA LYS D 2 -16.62 3.42 -26.49
C LYS D 2 -17.27 4.65 -25.88
N LEU D 3 -16.83 5.86 -26.24
CA LEU D 3 -17.34 7.08 -25.63
C LEU D 3 -18.24 7.89 -26.55
N GLU D 4 -18.37 7.49 -27.81
CA GLU D 4 -19.17 8.25 -28.76
C GLU D 4 -20.62 8.37 -28.26
N HIS D 5 -21.11 9.60 -28.21
CA HIS D 5 -22.46 10.01 -27.77
C HIS D 5 -22.68 9.90 -26.27
N LYS D 6 -21.71 9.42 -25.48
CA LYS D 6 -21.82 9.49 -24.02
C LYS D 6 -21.77 10.94 -23.58
N ASN D 7 -22.38 11.23 -22.43
CA ASN D 7 -22.50 12.59 -21.91
C ASN D 7 -21.54 12.78 -20.75
N ILE D 8 -20.55 13.66 -20.93
CA ILE D 8 -19.45 13.86 -19.97
C ILE D 8 -19.63 15.21 -19.29
N PHE D 9 -19.63 15.23 -17.96
CA PHE D 9 -19.73 16.47 -17.21
C PHE D 9 -18.33 16.62 -16.62
N ILE D 10 -17.57 17.63 -17.06
CA ILE D 10 -16.22 17.88 -16.58
C ILE D 10 -16.16 19.17 -15.78
N THR D 11 -15.91 19.08 -14.48
CA THR D 11 -15.79 20.28 -13.66
C THR D 11 -14.43 20.96 -13.85
N GLY D 12 -14.43 22.29 -13.76
CA GLY D 12 -13.19 23.03 -13.85
C GLY D 12 -12.48 22.87 -15.18
N SER D 13 -13.23 22.88 -16.27
CA SER D 13 -12.68 22.55 -17.59
C SER D 13 -12.58 23.77 -18.52
N SER D 14 -12.56 24.98 -17.96
CA SER D 14 -12.34 26.17 -18.76
C SER D 14 -10.86 26.49 -18.97
N ARG D 15 -9.97 25.81 -18.24
CA ARG D 15 -8.54 26.04 -18.37
C ARG D 15 -7.81 24.80 -17.84
N GLY D 16 -6.50 24.78 -18.06
CA GLY D 16 -5.58 23.79 -17.51
C GLY D 16 -5.92 22.36 -17.88
N ILE D 17 -5.67 21.45 -16.94
CA ILE D 17 -5.88 20.02 -17.15
C ILE D 17 -7.35 19.73 -17.49
N GLY D 18 -8.28 20.39 -16.81
CA GLY D 18 -9.69 20.15 -17.10
C GLY D 18 -10.05 20.43 -18.55
N LEU D 19 -9.47 21.50 -19.11
CA LEU D 19 -9.68 21.79 -20.53
C LEU D 19 -9.06 20.72 -21.42
N ALA D 20 -7.83 20.30 -21.10
CA ALA D 20 -7.19 19.20 -21.83
C ALA D 20 -8.08 17.96 -21.82
N ILE D 21 -8.66 17.63 -20.67
CA ILE D 21 -9.56 16.48 -20.58
C ILE D 21 -10.76 16.67 -21.51
N ALA D 22 -11.35 17.87 -21.49
CA ALA D 22 -12.50 18.13 -22.35
C ALA D 22 -12.17 17.83 -23.81
N HIS D 23 -11.01 18.31 -24.26
CA HIS D 23 -10.61 18.09 -25.64
C HIS D 23 -10.38 16.62 -25.92
N LYS D 24 -9.83 15.86 -24.97
CA LYS D 24 -9.66 14.43 -25.24
C LYS D 24 -11.01 13.73 -25.31
N PHE D 25 -11.97 14.15 -24.50
CA PHE D 25 -13.29 13.53 -24.59
C PHE D 25 -13.98 13.88 -25.90
N ALA D 26 -13.81 15.12 -26.38
CA ALA D 26 -14.42 15.50 -27.65
C ALA D 26 -13.83 14.73 -28.83
N GLN D 27 -12.53 14.47 -28.80
CA GLN D 27 -11.85 13.68 -29.83
C GLN D 27 -12.30 12.23 -29.83
N ALA D 28 -12.96 11.77 -28.78
CA ALA D 28 -13.54 10.43 -28.74
C ALA D 28 -15.02 10.44 -29.09
N GLY D 29 -15.55 11.56 -29.58
CA GLY D 29 -16.93 11.66 -29.98
C GLY D 29 -17.93 11.84 -28.87
N ALA D 30 -17.48 12.24 -27.68
CA ALA D 30 -18.37 12.40 -26.53
C ALA D 30 -18.90 13.82 -26.44
N ASN D 31 -20.17 13.96 -26.01
CA ASN D 31 -20.76 15.26 -25.69
C ASN D 31 -20.21 15.81 -24.37
N ILE D 32 -20.07 17.12 -24.29
CA ILE D 32 -19.24 17.76 -23.28
C ILE D 32 -20.03 18.85 -22.56
N VAL D 33 -19.89 18.92 -21.24
CA VAL D 33 -20.29 20.06 -20.43
C VAL D 33 -19.05 20.80 -19.98
N LEU D 34 -18.88 22.04 -20.43
CA LEU D 34 -17.74 22.83 -19.98
C LEU D 34 -18.20 23.61 -18.75
N ASN D 35 -17.38 23.62 -17.71
CA ASN D 35 -17.83 24.17 -16.44
C ASN D 35 -16.73 24.97 -15.78
N SER D 36 -17.13 26.07 -15.13
CA SER D 36 -16.21 26.87 -14.33
C SER D 36 -17.04 27.69 -13.36
N ARG D 37 -16.34 28.33 -12.41
CA ARG D 37 -17.04 29.16 -11.45
C ARG D 37 -17.63 30.38 -12.15
N GLY D 38 -16.82 31.08 -12.96
CA GLY D 38 -17.30 32.14 -13.81
C GLY D 38 -17.96 31.62 -15.09
N ALA D 39 -18.51 32.54 -15.87
CA ALA D 39 -19.23 32.17 -17.08
C ALA D 39 -18.26 31.77 -18.20
N ILE D 40 -18.70 30.82 -19.03
CA ILE D 40 -17.88 30.27 -20.11
C ILE D 40 -17.88 31.24 -21.29
N SER D 41 -16.70 31.63 -21.73
CA SER D 41 -16.58 32.53 -22.87
C SER D 41 -17.04 31.85 -24.16
N GLU D 42 -17.66 32.64 -25.04
CA GLU D 42 -18.12 32.12 -26.33
C GLU D 42 -16.92 31.67 -27.18
N GLU D 43 -15.74 32.21 -26.92
CA GLU D 43 -14.53 31.81 -27.64
C GLU D 43 -14.12 30.38 -27.29
N LEU D 44 -14.29 30.00 -26.03
CA LEU D 44 -13.97 28.64 -25.62
C LEU D 44 -14.97 27.64 -26.21
N LEU D 45 -16.24 28.03 -26.30
CA LEU D 45 -17.22 27.15 -26.93
C LEU D 45 -16.90 26.95 -28.41
N ALA D 46 -16.30 27.95 -29.05
CA ALA D 46 -15.99 27.84 -30.47
C ALA D 46 -14.93 26.78 -30.75
N GLU D 47 -14.02 26.56 -29.80
CA GLU D 47 -13.01 25.53 -29.95
C GLU D 47 -13.62 24.14 -30.15
N PHE D 48 -14.86 23.95 -29.71
CA PHE D 48 -15.53 22.66 -29.73
C PHE D 48 -16.58 22.53 -30.82
N SER D 49 -16.97 23.64 -31.45
CA SER D 49 -17.98 23.60 -32.51
C SER D 49 -17.55 22.72 -33.68
N ASN D 50 -16.24 22.49 -33.85
CA ASN D 50 -15.71 21.80 -35.00
C ASN D 50 -15.78 20.28 -34.88
N TYR D 51 -16.17 19.76 -33.72
CA TYR D 51 -16.06 18.33 -33.43
C TYR D 51 -17.30 17.53 -33.81
N GLY D 52 -18.37 18.20 -34.22
CA GLY D 52 -19.59 17.46 -34.47
C GLY D 52 -20.22 16.87 -33.22
N ILE D 53 -19.86 17.37 -32.04
CA ILE D 53 -20.47 16.95 -30.79
C ILE D 53 -21.32 18.10 -30.27
N LYS D 54 -22.07 17.82 -29.21
CA LYS D 54 -22.89 18.81 -28.54
C LYS D 54 -22.17 19.29 -27.28
N VAL D 55 -22.13 20.61 -27.10
CA VAL D 55 -21.28 21.24 -26.11
C VAL D 55 -22.09 22.27 -25.37
N VAL D 56 -22.09 22.17 -24.04
CA VAL D 56 -23.05 22.88 -23.20
C VAL D 56 -22.30 23.59 -22.08
N PRO D 57 -22.44 24.91 -21.93
CA PRO D 57 -21.75 25.61 -20.84
C PRO D 57 -22.61 25.65 -19.59
N ILE D 58 -22.03 25.29 -18.45
CA ILE D 58 -22.75 25.23 -17.18
C ILE D 58 -21.81 25.74 -16.12
N SER D 59 -22.14 26.88 -15.52
CA SER D 59 -21.31 27.50 -14.50
C SER D 59 -22.05 27.50 -13.17
N GLY D 60 -21.28 27.71 -12.11
CA GLY D 60 -21.78 27.61 -10.76
C GLY D 60 -20.66 27.25 -9.79
N ASP D 61 -21.05 26.98 -8.55
CA ASP D 61 -20.11 26.63 -7.48
C ASP D 61 -20.29 25.16 -7.12
N VAL D 62 -19.29 24.34 -7.46
CA VAL D 62 -19.36 22.92 -7.12
C VAL D 62 -19.34 22.73 -5.61
N SER D 63 -18.70 23.64 -4.87
CA SER D 63 -18.65 23.54 -3.41
C SER D 63 -19.94 24.00 -2.72
N ASP D 64 -21.04 24.17 -3.45
CA ASP D 64 -22.33 24.46 -2.87
C ASP D 64 -23.30 23.36 -3.32
N PHE D 65 -23.83 22.61 -2.36
CA PHE D 65 -24.59 21.41 -2.71
C PHE D 65 -25.84 21.74 -3.52
N ALA D 66 -26.56 22.79 -3.14
CA ALA D 66 -27.74 23.20 -3.90
C ALA D 66 -27.36 23.56 -5.33
N ASP D 67 -26.28 24.32 -5.51
CA ASP D 67 -25.85 24.67 -6.85
C ASP D 67 -25.23 23.47 -7.57
N ALA D 68 -24.52 22.62 -6.84
CA ALA D 68 -24.12 21.34 -7.39
C ALA D 68 -25.35 20.58 -7.85
N LYS D 69 -26.40 20.51 -7.03
CA LYS D 69 -27.49 19.71 -7.56
C LYS D 69 -28.06 20.29 -8.83
N ARG D 70 -28.19 21.60 -8.86
CA ARG D 70 -28.84 22.28 -9.96
C ARG D 70 -28.03 22.15 -11.24
N MET D 71 -26.70 22.26 -11.13
CA MET D 71 -25.85 22.09 -12.30
C MET D 71 -26.08 20.73 -12.95
N ILE D 72 -26.17 19.67 -12.13
CA ILE D 72 -26.40 18.33 -12.67
C ILE D 72 -27.76 18.24 -13.34
N ASP D 73 -28.79 18.82 -12.72
CA ASP D 73 -30.12 18.78 -13.32
C ASP D 73 -30.13 19.48 -14.67
N GLN D 74 -29.50 20.65 -14.73
CA GLN D 74 -29.32 21.37 -15.98
C GLN D 74 -28.66 20.50 -17.05
N ALA D 75 -27.66 19.70 -16.68
CA ALA D 75 -26.95 18.89 -17.66
C ALA D 75 -27.83 17.77 -18.19
N ILE D 76 -28.60 17.15 -17.29
CA ILE D 76 -29.55 16.12 -17.72
C ILE D 76 -30.60 16.72 -18.66
N ALA D 77 -31.09 17.92 -18.35
CA ALA D 77 -32.12 18.54 -19.16
C ALA D 77 -31.60 19.06 -20.50
N GLU D 78 -30.29 19.20 -20.67
CA GLU D 78 -29.73 19.69 -21.92
C GLU D 78 -29.00 18.62 -22.72
N LEU D 79 -28.58 17.52 -22.08
CA LEU D 79 -27.95 16.42 -22.78
C LEU D 79 -28.71 15.11 -22.68
N GLY D 80 -29.65 14.98 -21.73
CA GLY D 80 -30.40 13.76 -21.54
C GLY D 80 -29.99 13.01 -20.29
N SER D 81 -28.71 13.06 -19.98
CA SER D 81 -28.14 12.28 -18.89
C SER D 81 -26.74 12.79 -18.61
N VAL D 82 -26.15 12.28 -17.52
CA VAL D 82 -24.73 12.40 -17.26
C VAL D 82 -24.20 10.98 -17.16
N ASP D 83 -23.39 10.58 -18.15
CA ASP D 83 -22.80 9.24 -18.14
C ASP D 83 -21.48 9.19 -17.38
N VAL D 84 -20.71 10.27 -17.43
CA VAL D 84 -19.40 10.33 -16.80
C VAL D 84 -19.28 11.66 -16.10
N LEU D 85 -18.89 11.62 -14.83
CA LEU D 85 -18.55 12.80 -14.07
C LEU D 85 -17.05 12.76 -13.80
N VAL D 86 -16.35 13.82 -14.20
CA VAL D 86 -14.93 14.01 -13.92
C VAL D 86 -14.84 15.15 -12.91
N ASN D 87 -14.49 14.83 -11.66
CA ASN D 87 -14.27 15.86 -10.65
C ASN D 87 -12.82 16.36 -10.73
N ASN D 88 -12.62 17.40 -11.53
CA ASN D 88 -11.30 17.96 -11.78
C ASN D 88 -10.98 19.08 -10.80
N ALA D 89 -9.69 19.26 -10.51
CA ALA D 89 -9.23 20.18 -9.48
C ALA D 89 -8.05 21.01 -9.97
N GLY D 90 -7.20 21.47 -9.07
CA GLY D 90 -5.93 22.03 -9.46
C GLY D 90 -5.80 23.52 -9.20
N ILE D 91 -4.57 24.00 -9.37
CA ILE D 91 -4.18 25.38 -9.15
C ILE D 91 -4.42 26.19 -10.42
N LYS D 99 2.30 30.11 -6.30
CA LYS D 99 2.33 31.50 -6.71
C LYS D 99 1.94 32.48 -5.53
N MET D 100 0.87 32.17 -4.79
CA MET D 100 0.64 32.94 -3.57
C MET D 100 0.43 31.96 -2.41
N THR D 101 -0.33 32.42 -1.40
CA THR D 101 -0.05 32.15 -0.01
C THR D 101 -0.35 30.72 0.39
N GLU D 102 0.15 30.36 1.57
CA GLU D 102 -0.26 29.17 2.27
C GLU D 102 -1.65 29.30 2.84
N ALA D 103 -2.09 30.53 3.11
CA ALA D 103 -3.40 30.75 3.72
C ALA D 103 -4.50 30.02 2.98
N ASP D 104 -4.51 30.13 1.66
CA ASP D 104 -5.63 29.62 0.87
C ASP D 104 -5.21 28.59 -0.17
N PHE D 105 -3.94 28.17 -0.20
CA PHE D 105 -3.66 26.85 -0.76
C PHE D 105 -4.57 25.84 -0.12
N GLU D 106 -4.74 25.94 1.20
CA GLU D 106 -5.70 25.12 1.91
C GLU D 106 -7.12 25.38 1.43
N LYS D 107 -7.42 26.63 1.02
CA LYS D 107 -8.79 26.97 0.62
C LYS D 107 -9.15 26.33 -0.71
N VAL D 108 -8.23 26.33 -1.68
CA VAL D 108 -8.52 25.71 -2.97
C VAL D 108 -8.57 24.19 -2.84
N LEU D 109 -7.77 23.62 -1.94
CA LEU D 109 -7.86 22.21 -1.66
C LEU D 109 -9.23 21.85 -1.11
N LYS D 110 -9.70 22.58 -0.10
CA LYS D 110 -10.98 22.27 0.53
C LYS D 110 -12.14 22.51 -0.43
N VAL D 111 -12.06 23.56 -1.23
CA VAL D 111 -13.13 23.85 -2.18
C VAL D 111 -13.17 22.76 -3.26
N ASN D 112 -12.02 22.43 -3.84
CA ASN D 112 -11.99 21.33 -4.81
C ASN D 112 -12.49 20.03 -4.18
N LEU D 113 -12.23 19.83 -2.89
CA LEU D 113 -12.46 18.52 -2.29
C LEU D 113 -13.96 18.36 -2.06
N THR D 114 -14.57 19.36 -1.42
CA THR D 114 -16.02 19.41 -1.23
C THR D 114 -16.77 19.45 -2.56
N GLY D 115 -16.14 20.01 -3.59
CA GLY D 115 -16.72 19.93 -4.92
C GLY D 115 -16.94 18.50 -5.39
N ALA D 116 -15.92 17.65 -5.21
CA ALA D 116 -16.09 16.23 -5.52
C ALA D 116 -17.22 15.62 -4.68
N PHE D 117 -17.29 16.01 -3.40
CA PHE D 117 -18.37 15.56 -2.53
C PHE D 117 -19.74 15.82 -3.15
N ASN D 118 -20.03 17.09 -3.48
CA ASN D 118 -21.39 17.46 -3.87
C ASN D 118 -21.73 16.95 -5.26
N MET D 119 -20.86 17.19 -6.25
CA MET D 119 -21.11 16.66 -7.60
C MET D 119 -21.32 15.15 -7.60
N THR D 120 -20.48 14.41 -6.87
CA THR D 120 -20.68 12.96 -6.78
C THR D 120 -22.03 12.64 -6.16
N GLN D 121 -22.33 13.26 -5.02
CA GLN D 121 -23.61 13.01 -4.37
C GLN D 121 -24.78 13.32 -5.30
N SER D 122 -24.66 14.39 -6.09
CA SER D 122 -25.77 14.79 -6.95
C SER D 122 -25.97 13.83 -8.13
N VAL D 123 -24.88 13.36 -8.77
CA VAL D 123 -25.09 12.50 -9.93
C VAL D 123 -25.43 11.06 -9.56
N LEU D 124 -25.25 10.66 -8.30
CA LEU D 124 -25.44 9.25 -7.98
C LEU D 124 -26.91 8.83 -8.14
N LYS D 125 -27.85 9.72 -7.81
CA LYS D 125 -29.26 9.40 -7.99
C LYS D 125 -29.60 9.01 -9.43
N PRO D 126 -29.38 9.85 -10.45
CA PRO D 126 -29.71 9.41 -11.82
C PRO D 126 -28.85 8.26 -12.34
N MET D 127 -27.57 8.13 -11.91
CA MET D 127 -26.77 7.01 -12.44
C MET D 127 -27.25 5.67 -11.86
N MET D 128 -27.56 5.65 -10.56
CA MET D 128 -28.04 4.42 -9.93
C MET D 128 -29.36 3.97 -10.55
N LYS D 129 -30.26 4.92 -10.83
CA LYS D 129 -31.48 4.59 -11.56
C LYS D 129 -31.17 4.12 -12.97
N ALA D 130 -30.26 4.81 -13.67
CA ALA D 130 -29.86 4.39 -14.99
C ALA D 130 -29.08 3.10 -14.96
N ARG D 131 -28.63 2.68 -13.78
CA ARG D 131 -27.78 1.50 -13.67
C ARG D 131 -26.55 1.61 -14.52
N GLU D 132 -26.10 2.79 -14.82
CA GLU D 132 -24.85 2.76 -15.57
C GLU D 132 -24.07 3.98 -15.14
N GLY D 133 -22.75 3.96 -15.24
CA GLY D 133 -22.10 5.24 -15.05
C GLY D 133 -20.67 5.15 -14.63
N ALA D 134 -20.00 6.32 -14.69
CA ALA D 134 -18.60 6.42 -14.25
C ALA D 134 -18.23 7.75 -13.58
N ILE D 135 -17.43 7.65 -12.52
CA ILE D 135 -16.99 8.82 -11.77
C ILE D 135 -15.48 8.76 -11.61
N ILE D 136 -14.80 9.83 -11.97
CA ILE D 136 -13.34 9.90 -11.94
C ILE D 136 -12.96 11.07 -11.05
N ASN D 137 -12.35 10.79 -9.91
CA ASN D 137 -11.85 11.83 -9.04
C ASN D 137 -10.35 11.98 -9.27
N MET D 138 -9.83 13.16 -8.95
CA MET D 138 -8.46 13.52 -9.30
C MET D 138 -7.86 14.36 -8.19
N SER D 139 -6.74 13.88 -7.62
CA SER D 139 -6.03 14.73 -6.68
C SER D 139 -5.30 15.83 -7.45
N SER D 140 -4.83 16.84 -6.72
CA SER D 140 -4.23 17.97 -7.42
C SER D 140 -2.80 17.66 -7.86
N VAL D 141 -2.32 18.44 -8.82
CA VAL D 141 -0.96 18.31 -9.28
C VAL D 141 0.03 18.59 -8.15
N VAL D 142 1.06 17.78 -8.07
CA VAL D 142 2.11 17.98 -7.07
C VAL D 142 3.04 19.09 -7.56
N GLY D 143 3.12 20.18 -6.78
CA GLY D 143 4.00 21.27 -7.07
C GLY D 143 5.02 21.47 -5.95
N LEU D 144 5.86 22.49 -6.13
CA LEU D 144 6.85 22.80 -5.12
C LEU D 144 6.17 23.40 -3.89
N MET D 145 6.37 22.76 -2.73
CA MET D 145 5.59 23.07 -1.55
C MET D 145 6.46 23.14 -0.30
N GLY D 146 6.16 24.13 0.54
CA GLY D 146 6.65 24.15 1.89
C GLY D 146 6.04 23.04 2.72
N ASN D 147 6.44 23.01 3.99
CA ASN D 147 6.20 21.80 4.76
C ASN D 147 4.73 21.74 5.10
N ILE D 148 4.19 22.91 5.46
CA ILE D 148 2.77 23.09 5.70
C ILE D 148 1.94 22.87 4.44
N GLY D 149 2.46 23.28 3.27
CA GLY D 149 1.78 22.94 2.03
C GLY D 149 1.65 21.44 1.85
N GLN D 150 2.78 20.73 1.97
CA GLN D 150 2.79 19.27 1.81
C GLN D 150 1.88 18.59 2.81
N ALA D 151 1.86 19.09 4.05
CA ALA D 151 0.97 18.51 5.05
C ALA D 151 -0.49 18.60 4.61
N ASN D 152 -0.92 19.78 4.17
CA ASN D 152 -2.31 19.94 3.74
C ASN D 152 -2.55 19.18 2.45
N TYR D 153 -1.56 19.12 1.56
CA TYR D 153 -1.74 18.37 0.32
C TYR D 153 -1.97 16.90 0.62
N ALA D 154 -1.11 16.30 1.45
CA ALA D 154 -1.27 14.88 1.81
C ALA D 154 -2.61 14.59 2.47
N ALA D 155 -3.12 15.51 3.29
CA ALA D 155 -4.38 15.24 3.99
C ALA D 155 -5.56 15.26 3.04
N SER D 156 -5.64 16.27 2.16
CA SER D 156 -6.77 16.34 1.24
C SER D 156 -6.73 15.20 0.22
N LYS D 157 -5.53 14.75 -0.18
CA LYS D 157 -5.44 13.61 -1.08
C LYS D 157 -5.94 12.34 -0.39
N ALA D 158 -5.49 12.11 0.86
CA ALA D 158 -6.00 10.97 1.61
C ALA D 158 -7.52 11.03 1.76
N GLY D 159 -8.07 12.23 1.95
CA GLY D 159 -9.51 12.35 2.07
C GLY D 159 -10.22 12.00 0.77
N LEU D 160 -9.68 12.45 -0.36
CA LEU D 160 -10.31 12.16 -1.64
C LEU D 160 -10.26 10.66 -1.93
N ILE D 161 -9.19 9.98 -1.53
CA ILE D 161 -9.09 8.55 -1.77
C ILE D 161 -10.08 7.79 -0.91
N GLY D 162 -10.21 8.15 0.37
CA GLY D 162 -11.18 7.47 1.23
C GLY D 162 -12.61 7.68 0.75
N PHE D 163 -12.92 8.92 0.32
CA PHE D 163 -14.22 9.19 -0.27
C PHE D 163 -14.48 8.30 -1.47
N THR D 164 -13.49 8.18 -2.37
CA THR D 164 -13.68 7.42 -3.61
C THR D 164 -13.90 5.94 -3.33
N LYS D 165 -13.06 5.35 -2.46
CA LYS D 165 -13.23 3.93 -2.11
C LYS D 165 -14.58 3.64 -1.47
N SER D 166 -15.05 4.54 -0.62
CA SER D 166 -16.33 4.37 0.05
C SER D 166 -17.49 4.43 -0.95
N VAL D 167 -17.47 5.43 -1.82
CA VAL D 167 -18.53 5.50 -2.84
C VAL D 167 -18.45 4.30 -3.78
N ALA D 168 -17.24 3.88 -4.19
CA ALA D 168 -17.15 2.74 -5.09
C ALA D 168 -17.83 1.51 -4.51
N ARG D 169 -17.61 1.25 -3.21
CA ARG D 169 -18.26 0.14 -2.53
C ARG D 169 -19.77 0.30 -2.55
N GLU D 170 -20.24 1.53 -2.29
CA GLU D 170 -21.68 1.82 -2.26
C GLU D 170 -22.36 1.45 -3.57
N VAL D 171 -21.77 1.83 -4.71
CA VAL D 171 -22.50 1.86 -5.99
C VAL D 171 -22.07 0.74 -6.95
N ALA D 172 -21.14 -0.12 -6.56
CA ALA D 172 -20.66 -1.16 -7.46
C ALA D 172 -21.81 -2.03 -7.96
N SER D 173 -22.77 -2.36 -7.08
CA SER D 173 -23.85 -3.27 -7.51
C SER D 173 -24.81 -2.63 -8.49
N ARG D 174 -24.78 -1.31 -8.66
CA ARG D 174 -25.59 -0.68 -9.69
C ARG D 174 -24.78 -0.29 -10.92
N ASN D 175 -23.66 -0.99 -11.15
CA ASN D 175 -22.90 -0.93 -12.41
C ASN D 175 -22.23 0.42 -12.62
N ILE D 176 -21.83 1.09 -11.53
CA ILE D 176 -21.21 2.41 -11.57
C ILE D 176 -19.76 2.27 -11.14
N ARG D 177 -18.84 2.80 -11.96
CA ARG D 177 -17.41 2.68 -11.71
C ARG D 177 -16.88 3.97 -11.12
N VAL D 178 -16.10 3.87 -10.04
CA VAL D 178 -15.58 5.04 -9.33
C VAL D 178 -14.08 4.83 -9.09
N ASN D 179 -13.26 5.78 -9.55
CA ASN D 179 -11.80 5.67 -9.45
C ASN D 179 -11.18 7.04 -9.17
N VAL D 180 -9.92 7.03 -8.69
CA VAL D 180 -9.15 8.25 -8.44
C VAL D 180 -7.89 8.22 -9.29
N ILE D 181 -7.53 9.34 -9.89
CA ILE D 181 -6.23 9.54 -10.51
C ILE D 181 -5.38 10.38 -9.56
N ALA D 182 -4.12 9.95 -9.34
CA ALA D 182 -3.17 10.66 -8.50
C ALA D 182 -2.03 11.18 -9.37
N PRO D 183 -2.11 12.41 -9.88
CA PRO D 183 -1.01 12.96 -10.66
C PRO D 183 0.22 13.18 -9.80
N GLY D 184 1.36 13.26 -10.49
CA GLY D 184 2.63 13.74 -9.93
C GLY D 184 2.90 15.18 -10.34
N MET D 185 4.16 15.48 -10.64
CA MET D 185 4.53 16.84 -10.98
C MET D 185 4.38 17.06 -12.49
N ILE D 186 3.56 18.04 -12.86
CA ILE D 186 3.29 18.36 -14.26
C ILE D 186 4.18 19.53 -14.66
N GLU D 187 5.00 19.29 -15.68
CA GLU D 187 5.73 20.36 -16.33
C GLU D 187 4.76 21.44 -16.78
N SER D 188 5.09 22.69 -16.49
CA SER D 188 4.16 23.80 -16.75
C SER D 188 4.98 25.07 -16.94
N ASP D 189 4.32 26.23 -16.84
CA ASP D 189 5.02 27.50 -16.96
C ASP D 189 6.05 27.68 -15.84
N MET D 190 5.69 27.30 -14.61
CA MET D 190 6.70 27.15 -13.55
C MET D 190 7.56 25.92 -13.79
N THR D 191 8.39 25.97 -14.83
CA THR D 191 9.39 24.94 -15.04
C THR D 191 10.60 25.57 -15.70
N ALA D 192 10.43 26.42 -16.71
CA ALA D 192 11.59 27.12 -17.25
C ALA D 192 12.20 28.06 -16.22
N ILE D 193 11.35 28.79 -15.48
CA ILE D 193 11.81 29.79 -14.52
C ILE D 193 12.68 29.19 -13.42
N LEU D 194 12.48 27.92 -13.10
CA LEU D 194 13.15 27.34 -11.95
C LEU D 194 14.64 27.15 -12.25
N SER D 195 15.48 27.44 -11.26
CA SER D 195 16.92 27.42 -11.45
C SER D 195 17.44 25.99 -11.63
N ASP D 196 18.63 25.88 -12.23
CA ASP D 196 19.21 24.56 -12.48
C ASP D 196 19.44 23.78 -11.20
N LYS D 197 19.80 24.44 -10.10
CA LYS D 197 19.81 23.72 -8.84
C LYS D 197 18.43 23.18 -8.52
N ILE D 198 17.38 23.94 -8.84
CA ILE D 198 16.05 23.54 -8.42
C ILE D 198 15.52 22.40 -9.28
N LYS D 199 15.57 22.51 -10.62
CA LYS D 199 15.06 21.43 -11.49
C LYS D 199 15.79 20.14 -11.26
N GLU D 200 17.09 20.25 -11.18
CA GLU D 200 17.95 19.10 -11.05
C GLU D 200 17.71 18.38 -9.73
N ALA D 201 17.51 19.15 -8.66
CA ALA D 201 17.23 18.53 -7.37
C ALA D 201 15.81 17.99 -7.29
N THR D 202 14.86 18.69 -7.90
CA THR D 202 13.48 18.21 -7.95
C THR D 202 13.38 16.96 -8.81
N LEU D 203 13.88 17.04 -10.05
CA LEU D 203 13.89 15.90 -10.96
C LEU D 203 14.52 14.68 -10.30
N ALA D 204 15.52 14.90 -9.45
CA ALA D 204 16.22 13.81 -8.80
C ALA D 204 15.37 13.12 -7.74
N GLN D 205 14.29 13.74 -7.29
CA GLN D 205 13.35 13.11 -6.37
C GLN D 205 12.25 12.29 -7.08
N ILE D 206 12.14 12.40 -8.40
CA ILE D 206 11.16 11.63 -9.19
C ILE D 206 11.85 10.39 -9.71
N PRO D 207 11.34 9.17 -9.43
CA PRO D 207 12.08 7.97 -9.85
C PRO D 207 12.32 7.86 -11.37
N MET D 208 11.39 8.33 -12.20
CA MET D 208 11.63 8.35 -13.64
C MET D 208 12.39 9.60 -14.10
N LYS D 209 12.80 10.47 -13.17
CA LYS D 209 13.76 11.55 -13.46
C LYS D 209 13.26 12.50 -14.55
N GLU D 210 11.96 12.77 -14.55
CA GLU D 210 11.36 13.63 -15.57
C GLU D 210 10.03 14.17 -15.03
N PHE D 211 9.55 15.24 -15.65
CA PHE D 211 8.28 15.84 -15.30
C PHE D 211 7.19 15.26 -16.19
N GLY D 212 5.98 15.15 -15.62
CA GLY D 212 4.84 14.69 -16.38
C GLY D 212 4.24 15.79 -17.23
N GLN D 213 3.25 15.39 -18.04
CA GLN D 213 2.55 16.28 -18.95
C GLN D 213 1.06 16.20 -18.69
N ALA D 214 0.36 17.33 -18.87
CA ALA D 214 -1.08 17.34 -18.66
C ALA D 214 -1.77 16.30 -19.54
N GLU D 215 -1.26 16.08 -20.76
CA GLU D 215 -1.93 15.17 -21.68
C GLU D 215 -1.96 13.73 -21.15
N GLN D 216 -0.98 13.34 -20.32
CA GLN D 216 -0.99 12.00 -19.75
C GLN D 216 -2.17 11.82 -18.78
N VAL D 217 -2.43 12.83 -17.95
CA VAL D 217 -3.60 12.80 -17.06
C VAL D 217 -4.89 12.75 -17.88
N ALA D 218 -4.98 13.56 -18.94
CA ALA D 218 -6.20 13.58 -19.75
C ALA D 218 -6.43 12.23 -20.42
N ASP D 219 -5.36 11.57 -20.88
CA ASP D 219 -5.45 10.26 -21.52
C ASP D 219 -5.94 9.19 -20.53
N LEU D 220 -5.34 9.17 -19.33
CA LEU D 220 -5.80 8.26 -18.29
C LEU D 220 -7.28 8.51 -17.95
N THR D 221 -7.69 9.77 -17.86
CA THR D 221 -9.08 10.08 -17.56
C THR D 221 -10.02 9.51 -18.62
N VAL D 222 -9.69 9.71 -19.90
CA VAL D 222 -10.55 9.19 -20.97
C VAL D 222 -10.61 7.66 -20.93
N PHE D 223 -9.48 7.02 -20.65
CA PHE D 223 -9.44 5.56 -20.60
C PHE D 223 -10.34 5.03 -19.50
N LEU D 224 -10.21 5.57 -18.29
CA LEU D 224 -11.05 5.09 -17.19
C LEU D 224 -12.52 5.28 -17.51
N ALA D 225 -12.90 6.44 -18.06
CA ALA D 225 -14.30 6.68 -18.40
C ALA D 225 -14.87 5.56 -19.27
N GLY D 226 -14.06 5.04 -20.19
CA GLY D 226 -14.54 4.02 -21.08
C GLY D 226 -14.27 2.58 -20.66
N GLN D 227 -13.53 2.33 -19.58
CA GLN D 227 -13.07 0.99 -19.22
C GLN D 227 -14.04 0.31 -18.27
N ASP D 228 -14.70 -0.74 -18.74
CA ASP D 228 -15.74 -1.31 -17.94
C ASP D 228 -15.07 -2.30 -16.95
N TYR D 229 -15.75 -2.61 -15.84
CA TYR D 229 -15.33 -3.63 -14.86
C TYR D 229 -14.12 -3.20 -14.02
N LEU D 230 -13.73 -1.93 -14.08
CA LEU D 230 -12.58 -1.42 -13.34
C LEU D 230 -13.10 -0.36 -12.37
N THR D 231 -13.07 -0.67 -11.07
CA THR D 231 -13.61 0.27 -10.08
C THR D 231 -12.80 0.21 -8.80
N GLY D 232 -12.95 1.26 -8.01
CA GLY D 232 -12.31 1.35 -6.72
C GLY D 232 -10.80 1.49 -6.74
N GLN D 233 -10.20 1.80 -7.89
CA GLN D 233 -8.75 1.85 -8.04
C GLN D 233 -8.20 3.25 -7.81
N VAL D 234 -6.97 3.30 -7.31
CA VAL D 234 -6.20 4.53 -7.17
C VAL D 234 -5.04 4.39 -8.15
N ILE D 235 -5.00 5.23 -9.18
CA ILE D 235 -4.04 5.05 -10.24
C ILE D 235 -3.15 6.27 -10.26
N ALA D 236 -1.89 6.09 -9.89
CA ALA D 236 -0.92 7.16 -9.85
C ALA D 236 -0.27 7.29 -11.21
N ILE D 237 -0.39 8.45 -11.82
CA ILE D 237 0.39 8.70 -13.03
C ILE D 237 1.41 9.80 -12.69
N ASP D 238 2.50 9.40 -12.03
CA ASP D 238 3.37 10.32 -11.31
C ASP D 238 4.86 9.95 -11.42
N GLY D 239 5.24 9.26 -12.50
CA GLY D 239 6.64 8.90 -12.68
C GLY D 239 7.21 8.04 -11.58
N GLY D 240 6.36 7.34 -10.84
CA GLY D 240 6.81 6.50 -9.74
C GLY D 240 6.95 7.21 -8.42
N LEU D 241 6.50 8.47 -8.31
CA LEU D 241 6.73 9.26 -7.11
C LEU D 241 6.16 8.57 -5.87
N SER D 242 5.00 7.94 -5.98
CA SER D 242 4.31 7.34 -4.84
C SER D 242 4.39 5.81 -4.80
N MET D 243 5.29 5.20 -5.59
CA MET D 243 5.45 3.73 -5.66
C MET D 243 5.67 3.03 -4.33
#